data_8VO0
#
_entry.id   8VO0
#
_cell.length_a   1.00
_cell.length_b   1.00
_cell.length_c   1.00
_cell.angle_alpha   90.00
_cell.angle_beta   90.00
_cell.angle_gamma   90.00
#
_symmetry.space_group_name_H-M   'P 1'
#
loop_
_entity.id
_entity.type
_entity.pdbx_description
1 polymer 'DNA (157-MER)'
2 polymer 'Histone H3.2'
3 polymer 'Histone H4'
4 polymer 'Histone H2A'
5 polymer 'Histone H2B 1.1'
6 polymer 'Histone H4'
7 polymer 'Histone H2B 1.1'
8 polymer 'DNA (157-MER)'
#
loop_
_entity_poly.entity_id
_entity_poly.type
_entity_poly.pdbx_seq_one_letter_code
_entity_poly.pdbx_strand_id
1 'polydeoxyribonucleotide'
;(DC)(DA)(DG)(DG)(DA)(DT)(DG)(DT)(DA)(DT)(DA)(DT)(DA)(DT)(DC)(DT)(DG)(DA)(DG)(DA)
(DC)(DG)(DT)(DG)(DC)(DC)(DT)(DG)(DG)(DA)(DG)(DA)(DC)(DT)(DA)(DG)(DG)(DG)(DA)(DG)
(DT)(DA)(DA)(DT)(DC)(DC)(DC)(DC)(DT)(DT)(DG)(DG)(DC)(DG)(DG)(DT)(DT)(DT)(DA)(DA)
(DA)(DC)(DG)(DC)(DG)(DG)(DG)(DG)(DG)(DA)(DC)(DA)(DG)(DC)(DG)(DC)(DG)(DT)(DA)(DC)
(DG)(DT)(DG)(DC)(DG)(DT)(DT)(DT)(DT)(DA)(DG)(DC)(DG)(DG)(DT)(DG)(DC)(DT)(DA)(DG)
(DA)(DG)(DC)(DT)(DG)(DT)(DC)(DT)(DA)(DC)(DG)(DA)(DC)(DC)(DA)(DA)(DT)(DT)(DG)(DA)
(DG)(DC)(DG)(DG)(DC)(DC)(DT)(DG)(DG)(DG)(DC)(DA)(DC)(DC)(DG)(DG)(DG)(DA)(DT)(DT)
(DC)(DT)(DC)(DC)(DA)(DG)(DC)(DC)(DG)(DC)(DC)(DG)(DG)(DC)(DA)(DG)(DC)
;
H
2 'polypeptide(L)'
;YRPGTVALREIRRYQKSTELLIRKLPFQRLVREIAQDFKTDLRFQSSAVMALQEASEAYLVGLFEDTNLCAIHAKRVTIM
PKDIQLARRIRGERA
;
I,O
3 'polypeptide(L)' NIQGITKPAIRRLARRGGVKRISGLIYEETRGVLKVFLENVIRDAVTYTEHAKRKTVTAMDVVYALKRQGRTLYGFGG J
4 'polypeptide(L)'
;AKAKTRSSRAGLQFPVGRVHRLLRKGNYAERVGAGAPVYLAAVLEYLTAEILELAGNAARDNKKTRIIPRHLQLAVRNDE
ELNKLLGRVTIAQGGVLPNIQSVLLPKC
;
K,R
5 'polypeptide(L)'
;IYVYKVLKQVHPDTGISSKAMSIMNSFVNDVFERIAGEASRLAHYNKRSTITSREIQTAVRLLLPGELAKHAVSEGTKAV
TKYTSAK
;
M
6 'polypeptide(L)' DNIQGITKPAIRRLARRGGVKRISGLIYEETRGVLKVFLENVIRDAVTYTEHAKRKTVTAMDVVYALKRQGRTLYGFGG Q
7 'polypeptide(L)'
;YAIYVYKVLKQVHPDTGISSKAMSIMNSFVNDVFERIAGEASRLAHYNKRSTITSREIQTAVRLLLPGELAKHAVSEGTK
AVTKYTSAK
;
S
8 'polydeoxyribonucleotide'
;(DG)(DC)(DT)(DG)(DC)(DC)(DG)(DG)(DC)(DG)(DG)(DC)(DT)(DG)(DG)(DA)(DG)(DA)(DA)(DT)
(DC)(DC)(DC)(DG)(DG)(DT)(DG)(DC)(DC)(DG)(DA)(DG)(DG)(DC)(DC)(DG)(DC)(DT)(DC)(DA)
(DA)(DT)(DT)(DG)(DG)(DT)(DC)(DG)(DT)(DA)(DG)(DA)(DC)(DA)(DG)(DC)(DT)(DC)(DT)(DA)
(DG)(DC)(DA)(DC)(DC)(DG)(DC)(DT)(DT)(DA)(DA)(DA)(DC)(DG)(DC)(DA)(DC)(DG)(DT)(DA)
(DC)(DG)(DC)(DG)(DC)(DT)(DG)(DT)(DC)(DC)(DC)(DC)(DC)(DG)(DC)(DG)(DT)(DT)(DT)(DA)
(DA)(DA)(DC)(DC)(DG)(DC)(DC)(DA)(DA)(DG)(DG)(DG)(DG)(DA)(DT)(DT)(DA)(DC)(DT)(DC)
(DC)(DC)(DT)(DA)(DG)(DT)(DC)(DT)(DC)(DC)(DA)(DG)(DG)(DC)(DA)(DC)(DG)(DT)(DC)(DT)
(DC)(DA)(DG)(DA)(DT)(DA)(DT)(DA)(DT)(DA)(DC)(DA)(DT)(DC)(DC)(DT)(DG)
;
D
#
loop_
_chem_comp.id
_chem_comp.type
_chem_comp.name
_chem_comp.formula
DA DNA linking 2'-DEOXYADENOSINE-5'-MONOPHOSPHATE 'C10 H14 N5 O6 P'
DC DNA linking 2'-DEOXYCYTIDINE-5'-MONOPHOSPHATE 'C9 H14 N3 O7 P'
DG DNA linking 2'-DEOXYGUANOSINE-5'-MONOPHOSPHATE 'C10 H14 N5 O7 P'
DT DNA linking THYMIDINE-5'-MONOPHOSPHATE 'C10 H15 N2 O8 P'
#
# COMPACT_ATOMS: atom_id res chain seq x y z
N VAL B 6 -8.58 -25.91 -30.15
CA VAL B 6 -9.75 -25.15 -29.74
C VAL B 6 -9.50 -24.42 -28.44
N ALA B 7 -8.61 -24.96 -27.60
CA ALA B 7 -8.24 -24.26 -26.36
C ALA B 7 -7.57 -22.93 -26.68
N LEU B 8 -6.65 -22.93 -27.64
CA LEU B 8 -6.05 -21.67 -28.08
C LEU B 8 -7.08 -20.77 -28.76
N ARG B 9 -8.06 -21.37 -29.44
CA ARG B 9 -9.14 -20.57 -30.02
C ARG B 9 -9.90 -19.82 -28.94
N GLU B 10 -10.25 -20.50 -27.84
CA GLU B 10 -10.90 -19.82 -26.72
C GLU B 10 -9.98 -18.79 -26.09
N ILE B 11 -8.67 -19.09 -26.00
CA ILE B 11 -7.72 -18.12 -25.48
C ILE B 11 -7.78 -16.83 -26.29
N ARG B 12 -7.83 -16.96 -27.62
CA ARG B 12 -8.06 -15.78 -28.46
C ARG B 12 -9.44 -15.19 -28.20
N ARG B 13 -10.41 -16.02 -27.84
CA ARG B 13 -11.81 -15.61 -27.84
C ARG B 13 -12.10 -14.68 -26.65
N TYR B 14 -11.85 -15.15 -25.42
CA TYR B 14 -12.20 -14.34 -24.26
C TYR B 14 -11.24 -13.17 -24.04
N GLN B 15 -10.04 -13.21 -24.62
CA GLN B 15 -9.08 -12.14 -24.33
C GLN B 15 -9.45 -10.80 -24.94
N LYS B 16 -10.44 -10.73 -25.83
CA LYS B 16 -10.88 -9.47 -26.40
C LYS B 16 -12.13 -8.89 -25.74
N SER B 17 -12.95 -9.73 -25.12
CA SER B 17 -14.22 -9.25 -24.58
C SER B 17 -14.04 -8.70 -23.17
N THR B 18 -15.10 -8.05 -22.68
CA THR B 18 -15.07 -7.39 -21.38
C THR B 18 -16.15 -7.86 -20.40
N GLU B 19 -17.19 -8.53 -20.85
CA GLU B 19 -18.32 -8.83 -19.97
C GLU B 19 -17.92 -9.87 -18.93
N LEU B 20 -18.70 -9.92 -17.85
CA LEU B 20 -18.42 -10.84 -16.76
C LEU B 20 -18.67 -12.28 -17.21
N LEU B 21 -17.99 -13.21 -16.52
CA LEU B 21 -17.98 -14.62 -16.91
C LEU B 21 -18.54 -15.52 -15.82
N ILE B 22 -19.37 -14.99 -14.92
CA ILE B 22 -20.04 -15.76 -13.89
C ILE B 22 -21.49 -15.33 -13.82
N ARG B 23 -22.40 -16.31 -13.72
CA ARG B 23 -23.83 -16.01 -13.72
C ARG B 23 -24.19 -15.11 -12.56
N LYS B 24 -25.10 -14.17 -12.80
CA LYS B 24 -25.39 -13.12 -11.82
C LYS B 24 -26.09 -13.68 -10.59
N LEU B 25 -27.15 -14.47 -10.80
CA LEU B 25 -27.95 -14.96 -9.68
C LEU B 25 -27.17 -15.90 -8.75
N PRO B 26 -26.41 -16.90 -9.24
CA PRO B 26 -25.61 -17.69 -8.29
C PRO B 26 -24.62 -16.86 -7.48
N PHE B 27 -23.99 -15.86 -8.12
CA PHE B 27 -23.06 -15.01 -7.38
C PHE B 27 -23.79 -14.19 -6.33
N GLN B 28 -24.97 -13.65 -6.66
CA GLN B 28 -25.75 -12.91 -5.69
C GLN B 28 -26.18 -13.79 -4.53
N ARG B 29 -26.58 -15.03 -4.84
CA ARG B 29 -26.96 -15.97 -3.78
C ARG B 29 -25.78 -16.28 -2.87
N LEU B 30 -24.59 -16.47 -3.45
CA LEU B 30 -23.41 -16.71 -2.64
C LEU B 30 -23.08 -15.51 -1.76
N VAL B 31 -23.21 -14.30 -2.31
CA VAL B 31 -22.92 -13.09 -1.54
C VAL B 31 -23.89 -12.96 -0.37
N ARG B 32 -25.18 -13.19 -0.62
CA ARG B 32 -26.15 -13.13 0.46
C ARG B 32 -25.88 -14.20 1.51
N GLU B 33 -25.52 -15.41 1.07
CA GLU B 33 -25.25 -16.50 2.00
C GLU B 33 -24.04 -16.18 2.88
N ILE B 34 -23.00 -15.57 2.31
CA ILE B 34 -21.84 -15.22 3.11
C ILE B 34 -22.06 -13.97 3.95
N ALA B 35 -22.98 -13.09 3.55
CA ALA B 35 -23.24 -11.87 4.28
C ALA B 35 -24.27 -12.03 5.39
N GLN B 36 -25.08 -13.09 5.35
CA GLN B 36 -26.08 -13.27 6.40
C GLN B 36 -25.44 -13.54 7.75
N ASP B 37 -24.22 -14.09 7.75
CA ASP B 37 -23.54 -14.42 9.01
C ASP B 37 -23.10 -13.17 9.77
N PHE B 38 -22.63 -12.13 9.06
CA PHE B 38 -22.26 -10.90 9.76
C PHE B 38 -23.50 -10.16 10.26
N LYS B 39 -24.56 -10.10 9.47
CA LYS B 39 -25.79 -9.44 9.92
C LYS B 39 -26.97 -10.05 9.19
N THR B 40 -28.08 -10.18 9.91
CA THR B 40 -29.31 -10.71 9.35
C THR B 40 -30.21 -9.59 8.84
N ASP B 41 -31.07 -9.93 7.88
CA ASP B 41 -32.01 -9.00 7.28
C ASP B 41 -31.21 -7.82 6.70
N LEU B 42 -30.44 -8.15 5.67
CA LEU B 42 -29.63 -7.17 4.96
C LEU B 42 -30.15 -6.99 3.55
N ARG B 43 -30.12 -5.75 3.08
CA ARG B 43 -30.52 -5.40 1.73
C ARG B 43 -29.31 -4.98 0.92
N PHE B 44 -29.20 -5.53 -0.30
CA PHE B 44 -28.07 -5.27 -1.18
C PHE B 44 -28.53 -4.40 -2.34
N GLN B 45 -27.80 -3.32 -2.59
CA GLN B 45 -28.05 -2.52 -3.79
C GLN B 45 -27.46 -3.22 -5.01
N SER B 46 -28.16 -3.08 -6.14
CA SER B 46 -27.83 -3.88 -7.32
C SER B 46 -26.43 -3.57 -7.83
N SER B 47 -26.11 -2.27 -8.00
CA SER B 47 -24.83 -1.91 -8.60
C SER B 47 -23.65 -2.39 -7.76
N ALA B 48 -23.80 -2.44 -6.44
CA ALA B 48 -22.74 -2.98 -5.59
C ALA B 48 -22.46 -4.43 -5.93
N VAL B 49 -23.49 -5.18 -6.32
CA VAL B 49 -23.31 -6.59 -6.65
C VAL B 49 -22.40 -6.75 -7.85
N MET B 50 -22.67 -6.01 -8.94
CA MET B 50 -21.83 -6.11 -10.12
C MET B 50 -20.44 -5.52 -9.86
N ALA B 51 -20.35 -4.49 -9.02
CA ALA B 51 -19.03 -3.95 -8.66
C ALA B 51 -18.19 -5.03 -7.97
N LEU B 52 -18.76 -5.68 -6.96
CA LEU B 52 -18.04 -6.74 -6.26
C LEU B 52 -17.71 -7.89 -7.20
N GLN B 53 -18.65 -8.25 -8.08
CA GLN B 53 -18.43 -9.33 -9.01
C GLN B 53 -17.24 -9.04 -9.92
N GLU B 54 -17.20 -7.86 -10.51
CA GLU B 54 -16.13 -7.55 -11.46
C GLU B 54 -14.79 -7.35 -10.75
N ALA B 55 -14.82 -6.81 -9.53
CA ALA B 55 -13.57 -6.72 -8.75
C ALA B 55 -13.02 -8.12 -8.47
N SER B 56 -13.90 -9.05 -8.09
CA SER B 56 -13.47 -10.42 -7.86
C SER B 56 -12.98 -11.06 -9.15
N GLU B 57 -13.62 -10.77 -10.28
CA GLU B 57 -13.15 -11.30 -11.55
C GLU B 57 -11.74 -10.81 -11.86
N ALA B 58 -11.49 -9.51 -11.65
CA ALA B 58 -10.16 -8.98 -11.90
C ALA B 58 -9.11 -9.62 -10.99
N TYR B 59 -9.42 -9.73 -9.69
CA TYR B 59 -8.52 -10.39 -8.76
C TYR B 59 -8.23 -11.82 -9.21
N LEU B 60 -9.27 -12.56 -9.57
CA LEU B 60 -9.09 -13.97 -9.89
C LEU B 60 -8.32 -14.16 -11.20
N VAL B 61 -8.57 -13.31 -12.20
CA VAL B 61 -7.85 -13.44 -13.46
C VAL B 61 -6.39 -13.06 -13.28
N GLY B 62 -6.11 -12.08 -12.41
CA GLY B 62 -4.73 -11.80 -12.07
C GLY B 62 -4.05 -12.98 -11.38
N LEU B 63 -4.77 -13.64 -10.47
CA LEU B 63 -4.22 -14.83 -9.83
C LEU B 63 -3.95 -15.92 -10.85
N PHE B 64 -4.87 -16.13 -11.79
CA PHE B 64 -4.66 -17.14 -12.83
C PHE B 64 -3.45 -16.82 -13.68
N GLU B 65 -3.28 -15.55 -14.07
CA GLU B 65 -2.15 -15.21 -14.93
C GLU B 65 -0.84 -15.39 -14.18
N ASP B 66 -0.82 -15.03 -12.89
CA ASP B 66 0.39 -15.25 -12.08
C ASP B 66 0.70 -16.74 -11.96
N THR B 67 -0.32 -17.56 -11.72
CA THR B 67 -0.10 -19.00 -11.59
C THR B 67 0.37 -19.62 -12.90
N ASN B 68 -0.19 -19.16 -14.02
CA ASN B 68 0.25 -19.64 -15.33
C ASN B 68 1.69 -19.26 -15.59
N LEU B 69 2.07 -18.04 -15.23
CA LEU B 69 3.46 -17.61 -15.40
C LEU B 69 4.40 -18.47 -14.55
N CYS B 70 3.99 -18.75 -13.30
CA CYS B 70 4.81 -19.64 -12.46
C CYS B 70 4.92 -21.03 -13.06
N ALA B 71 3.81 -21.56 -13.57
CA ALA B 71 3.82 -22.91 -14.12
C ALA B 71 4.72 -23.00 -15.36
N ILE B 72 4.64 -22.01 -16.26
CA ILE B 72 5.51 -22.03 -17.43
C ILE B 72 6.97 -21.81 -17.00
N HIS B 73 7.19 -21.10 -15.90
CA HIS B 73 8.53 -21.06 -15.32
C HIS B 73 8.97 -22.44 -14.86
N ALA B 74 8.02 -23.27 -14.41
CA ALA B 74 8.32 -24.61 -13.93
C ALA B 74 8.43 -25.64 -15.05
N LYS B 75 8.70 -25.19 -16.28
CA LYS B 75 8.85 -26.04 -17.46
C LYS B 75 7.74 -27.09 -17.57
N ARG B 76 6.52 -26.66 -17.28
CA ARG B 76 5.34 -27.50 -17.40
C ARG B 76 4.23 -26.70 -18.08
N VAL B 77 3.27 -27.42 -18.65
CA VAL B 77 2.13 -26.79 -19.33
C VAL B 77 0.86 -26.85 -18.51
N THR B 78 0.80 -27.67 -17.46
CA THR B 78 -0.35 -27.77 -16.59
C THR B 78 -0.08 -27.01 -15.30
N ILE B 79 -1.15 -26.47 -14.71
CA ILE B 79 -1.07 -25.78 -13.43
C ILE B 79 -1.69 -26.67 -12.36
N MET B 80 -1.03 -26.73 -11.20
CA MET B 80 -1.42 -27.57 -10.08
C MET B 80 -1.52 -26.72 -8.83
N PRO B 81 -2.23 -27.20 -7.80
CA PRO B 81 -2.47 -26.35 -6.62
C PRO B 81 -1.20 -25.84 -5.96
N LYS B 82 -0.10 -26.60 -6.00
CA LYS B 82 1.15 -26.14 -5.40
C LYS B 82 1.63 -24.85 -6.05
N ASP B 83 1.42 -24.71 -7.36
CA ASP B 83 1.77 -23.45 -8.04
C ASP B 83 0.96 -22.29 -7.47
N ILE B 84 -0.34 -22.51 -7.24
CA ILE B 84 -1.20 -21.45 -6.70
C ILE B 84 -0.78 -21.08 -5.30
N GLN B 85 -0.47 -22.09 -4.46
CA GLN B 85 -0.01 -21.79 -3.11
C GLN B 85 1.30 -21.02 -3.13
N LEU B 86 2.21 -21.40 -4.03
CA LEU B 86 3.48 -20.68 -4.14
C LEU B 86 3.26 -19.24 -4.58
N ALA B 87 2.38 -19.02 -5.56
CA ALA B 87 2.10 -17.67 -6.02
C ALA B 87 1.49 -16.83 -4.91
N ARG B 88 0.55 -17.40 -4.15
CA ARG B 88 -0.02 -16.69 -3.01
C ARG B 88 1.03 -16.37 -1.97
N ARG B 89 1.95 -17.30 -1.70
CA ARG B 89 3.02 -17.05 -0.74
C ARG B 89 3.91 -15.90 -1.20
N ILE B 90 4.26 -15.89 -2.48
CA ILE B 90 5.13 -14.82 -2.99
C ILE B 90 4.44 -13.48 -2.94
N ARG B 91 3.17 -13.42 -3.37
CA ARG B 91 2.45 -12.15 -3.39
C ARG B 91 2.22 -11.60 -1.99
N GLY B 92 2.34 -12.43 -0.96
CA GLY B 92 2.22 -11.96 0.41
C GLY B 92 0.79 -11.81 0.88
N GLU B 93 -0.05 -12.78 0.51
CA GLU B 93 -1.46 -12.77 0.89
C GLU B 93 -1.82 -13.89 1.85
N ARG B 94 -1.49 -15.13 1.51
CA ARG B 94 -1.75 -16.24 2.42
C ARG B 94 -0.94 -16.11 3.70
N ALA B 95 0.32 -15.71 3.57
CA ALA B 95 1.19 -15.53 4.73
C ALA B 95 2.09 -14.32 4.55
N ASN C 1 -24.64 -22.51 -2.24
CA ASN C 1 -24.35 -21.31 -3.02
C ASN C 1 -22.89 -21.23 -3.44
N ILE C 2 -21.99 -21.91 -2.73
CA ILE C 2 -20.59 -21.96 -3.15
C ILE C 2 -20.45 -22.72 -4.46
N GLN C 3 -21.25 -23.77 -4.65
CA GLN C 3 -21.19 -24.57 -5.86
C GLN C 3 -21.73 -23.81 -7.07
N GLY C 4 -22.34 -22.64 -6.88
CA GLY C 4 -22.84 -21.86 -7.98
C GLY C 4 -21.78 -21.39 -8.96
N ILE C 5 -20.51 -21.46 -8.55
CA ILE C 5 -19.39 -21.16 -9.45
C ILE C 5 -19.13 -22.42 -10.27
N THR C 6 -19.77 -22.51 -11.44
CA THR C 6 -19.72 -23.73 -12.23
C THR C 6 -18.34 -23.93 -12.85
N LYS C 7 -18.07 -25.19 -13.22
CA LYS C 7 -16.77 -25.53 -13.80
C LYS C 7 -16.45 -24.76 -15.07
N PRO C 8 -17.37 -24.59 -16.04
CA PRO C 8 -17.03 -23.73 -17.19
C PRO C 8 -16.73 -22.30 -16.81
N ALA C 9 -17.25 -21.80 -15.68
CA ALA C 9 -16.93 -20.43 -15.28
C ALA C 9 -15.44 -20.30 -14.94
N ILE C 10 -14.92 -21.18 -14.09
CA ILE C 10 -13.50 -21.14 -13.78
C ILE C 10 -12.67 -21.50 -15.00
N ARG C 11 -13.19 -22.39 -15.85
CA ARG C 11 -12.48 -22.72 -17.09
C ARG C 11 -12.29 -21.49 -17.97
N ARG C 12 -13.36 -20.73 -18.21
CA ARG C 12 -13.24 -19.55 -19.06
C ARG C 12 -12.44 -18.45 -18.36
N LEU C 13 -12.52 -18.39 -17.02
CA LEU C 13 -11.69 -17.44 -16.29
C LEU C 13 -10.21 -17.76 -16.48
N ALA C 14 -9.84 -19.03 -16.40
CA ALA C 14 -8.44 -19.43 -16.59
C ALA C 14 -8.02 -19.21 -18.03
N ARG C 15 -8.92 -19.44 -18.99
CA ARG C 15 -8.59 -19.16 -20.38
C ARG C 15 -8.33 -17.67 -20.59
N ARG C 16 -9.14 -16.81 -19.95
CA ARG C 16 -8.86 -15.38 -19.98
C ARG C 16 -7.53 -15.06 -19.31
N GLY C 17 -7.17 -15.81 -18.27
CA GLY C 17 -5.87 -15.60 -17.64
C GLY C 17 -4.71 -15.89 -18.58
N GLY C 18 -4.85 -16.93 -19.41
CA GLY C 18 -3.81 -17.25 -20.37
C GLY C 18 -3.22 -18.63 -20.21
N VAL C 19 -3.98 -19.54 -19.64
CA VAL C 19 -3.49 -20.90 -19.40
C VAL C 19 -3.84 -21.77 -20.61
N LYS C 20 -3.06 -22.83 -20.81
CA LYS C 20 -3.28 -23.78 -21.89
C LYS C 20 -3.95 -25.06 -21.42
N ARG C 21 -3.41 -25.69 -20.39
CA ARG C 21 -3.97 -26.92 -19.85
C ARG C 21 -4.39 -26.72 -18.39
N ILE C 22 -5.42 -27.45 -17.98
CA ILE C 22 -5.97 -27.37 -16.64
C ILE C 22 -6.06 -28.77 -16.06
N SER C 23 -5.55 -28.95 -14.84
CA SER C 23 -5.61 -30.23 -14.16
C SER C 23 -6.96 -30.35 -13.43
N GLY C 24 -7.08 -31.34 -12.56
CA GLY C 24 -8.33 -31.60 -11.86
C GLY C 24 -8.40 -31.16 -10.42
N LEU C 25 -7.49 -30.31 -9.95
CA LEU C 25 -7.46 -29.92 -8.55
C LEU C 25 -7.43 -28.41 -8.32
N ILE C 26 -7.47 -27.61 -9.39
CA ILE C 26 -7.53 -26.15 -9.22
C ILE C 26 -8.91 -25.71 -8.77
N TYR C 27 -9.93 -26.54 -9.01
CA TYR C 27 -11.30 -26.09 -8.91
C TYR C 27 -11.72 -25.69 -7.50
N GLU C 28 -11.50 -26.55 -6.50
CA GLU C 28 -11.88 -26.23 -5.13
C GLU C 28 -10.94 -25.21 -4.46
N GLU C 29 -9.66 -25.25 -4.81
CA GLU C 29 -8.72 -24.24 -4.33
C GLU C 29 -9.17 -22.87 -4.78
N THR C 30 -9.58 -22.75 -6.04
CA THR C 30 -10.09 -21.49 -6.56
C THR C 30 -11.35 -21.05 -5.82
N ARG C 31 -12.26 -21.99 -5.55
CA ARG C 31 -13.48 -21.64 -4.82
C ARG C 31 -13.16 -21.14 -3.42
N GLY C 32 -12.20 -21.77 -2.75
CA GLY C 32 -11.82 -21.32 -1.42
C GLY C 32 -11.22 -19.92 -1.43
N VAL C 33 -10.35 -19.65 -2.41
CA VAL C 33 -9.80 -18.30 -2.53
C VAL C 33 -10.91 -17.29 -2.81
N LEU C 34 -11.86 -17.66 -3.68
CA LEU C 34 -12.99 -16.80 -3.98
C LEU C 34 -13.77 -16.47 -2.71
N LYS C 35 -14.09 -17.50 -1.92
CA LYS C 35 -14.85 -17.30 -0.69
C LYS C 35 -14.09 -16.41 0.29
N VAL C 36 -12.77 -16.62 0.41
CA VAL C 36 -11.98 -15.85 1.34
C VAL C 36 -11.96 -14.38 0.95
N PHE C 37 -11.74 -14.11 -0.34
CA PHE C 37 -11.77 -12.73 -0.80
C PHE C 37 -13.15 -12.11 -0.61
N LEU C 38 -14.21 -12.88 -0.83
CA LEU C 38 -15.54 -12.34 -0.61
C LEU C 38 -15.74 -11.93 0.84
N GLU C 39 -15.41 -12.81 1.80
CA GLU C 39 -15.64 -12.45 3.20
C GLU C 39 -14.78 -11.27 3.61
N ASN C 40 -13.54 -11.20 3.08
CA ASN C 40 -12.66 -10.10 3.43
C ASN C 40 -13.22 -8.74 3.03
N VAL C 41 -14.15 -8.70 2.09
CA VAL C 41 -14.81 -7.46 1.69
C VAL C 41 -16.17 -7.30 2.36
N ILE C 42 -16.89 -8.40 2.56
CA ILE C 42 -18.18 -8.29 3.23
C ILE C 42 -17.99 -7.83 4.68
N ARG C 43 -16.87 -8.17 5.31
CA ARG C 43 -16.70 -7.79 6.72
C ARG C 43 -16.67 -6.27 6.87
N ASP C 44 -15.80 -5.60 6.13
CA ASP C 44 -15.73 -4.15 6.26
C ASP C 44 -16.89 -3.47 5.54
N ALA C 45 -17.52 -4.15 4.58
CA ALA C 45 -18.72 -3.59 3.97
C ALA C 45 -19.86 -3.50 4.98
N VAL C 46 -20.12 -4.59 5.70
CA VAL C 46 -21.17 -4.56 6.72
C VAL C 46 -20.75 -3.67 7.88
N THR C 47 -19.45 -3.56 8.15
CA THR C 47 -18.99 -2.61 9.16
C THR C 47 -19.33 -1.18 8.76
N TYR C 48 -19.06 -0.82 7.51
CA TYR C 48 -19.37 0.52 7.03
C TYR C 48 -20.88 0.79 7.07
N THR C 49 -21.68 -0.18 6.62
CA THR C 49 -23.12 0.03 6.62
C THR C 49 -23.68 0.16 8.02
N GLU C 50 -23.18 -0.66 8.96
CA GLU C 50 -23.63 -0.57 10.34
C GLU C 50 -23.21 0.75 10.98
N HIS C 51 -22.02 1.26 10.62
CA HIS C 51 -21.58 2.53 11.16
C HIS C 51 -22.53 3.66 10.77
N ALA C 52 -23.03 3.64 9.55
CA ALA C 52 -23.94 4.69 9.08
C ALA C 52 -25.37 4.47 9.51
N LYS C 53 -25.65 3.44 10.33
CA LYS C 53 -26.97 3.09 10.83
C LYS C 53 -27.94 2.69 9.73
N ARG C 54 -27.45 2.41 8.52
CA ARG C 54 -28.31 2.02 7.42
C ARG C 54 -28.43 0.49 7.36
N LYS C 55 -29.32 0.02 6.49
CA LYS C 55 -29.54 -1.41 6.30
C LYS C 55 -29.29 -1.84 4.86
N THR C 56 -28.91 -0.91 3.98
CA THR C 56 -28.68 -1.20 2.57
C THR C 56 -27.22 -0.98 2.25
N VAL C 57 -26.63 -1.94 1.55
CA VAL C 57 -25.21 -1.89 1.17
C VAL C 57 -25.13 -1.12 -0.14
N THR C 58 -24.89 0.19 -0.02
CA THR C 58 -24.73 1.03 -1.20
C THR C 58 -23.41 0.72 -1.90
N ALA C 59 -23.35 1.09 -3.18
CA ALA C 59 -22.12 0.90 -3.94
C ALA C 59 -20.99 1.76 -3.38
N MET C 60 -21.33 2.90 -2.77
CA MET C 60 -20.31 3.79 -2.25
C MET C 60 -19.53 3.12 -1.13
N ASP C 61 -20.22 2.42 -0.25
CA ASP C 61 -19.54 1.73 0.85
C ASP C 61 -18.60 0.66 0.33
N VAL C 62 -19.02 -0.10 -0.68
CA VAL C 62 -18.17 -1.19 -1.16
C VAL C 62 -16.97 -0.66 -1.93
N VAL C 63 -17.13 0.45 -2.67
CA VAL C 63 -15.95 1.00 -3.34
C VAL C 63 -14.98 1.58 -2.30
N TYR C 64 -15.50 2.19 -1.24
CA TYR C 64 -14.64 2.60 -0.13
C TYR C 64 -13.92 1.41 0.48
N ALA C 65 -14.63 0.29 0.66
CA ALA C 65 -14.01 -0.89 1.25
C ALA C 65 -12.90 -1.44 0.35
N LEU C 66 -13.15 -1.46 -0.96
CA LEU C 66 -12.12 -1.89 -1.90
C LEU C 66 -10.91 -0.97 -1.88
N LYS C 67 -11.15 0.34 -1.77
CA LYS C 67 -10.04 1.29 -1.65
C LYS C 67 -9.24 1.06 -0.39
N ARG C 68 -9.92 0.78 0.73
CA ARG C 68 -9.21 0.49 1.97
C ARG C 68 -8.33 -0.75 1.83
N GLN C 69 -8.85 -1.80 1.19
CA GLN C 69 -8.07 -3.00 0.95
C GLN C 69 -6.86 -2.73 0.07
N GLY C 70 -6.90 -1.70 -0.77
CA GLY C 70 -5.80 -1.37 -1.64
C GLY C 70 -6.07 -1.55 -3.12
N ARG C 71 -7.32 -1.81 -3.51
CA ARG C 71 -7.67 -2.03 -4.91
C ARG C 71 -8.85 -1.11 -5.24
N THR C 72 -8.55 0.06 -5.78
CA THR C 72 -9.58 1.06 -6.05
C THR C 72 -10.46 0.61 -7.21
N LEU C 73 -11.69 1.13 -7.23
CA LEU C 73 -12.67 0.80 -8.26
C LEU C 73 -13.10 2.08 -8.95
N TYR C 74 -13.17 2.03 -10.28
CA TYR C 74 -13.60 3.17 -11.08
C TYR C 74 -14.91 2.87 -11.78
N GLY C 75 -15.83 3.83 -11.75
CA GLY C 75 -17.09 3.69 -12.46
C GLY C 75 -18.31 3.86 -11.59
N PHE C 76 -18.20 3.51 -10.30
CA PHE C 76 -19.34 3.49 -9.41
C PHE C 76 -19.39 4.71 -8.49
N GLY C 77 -18.90 5.87 -8.95
CA GLY C 77 -18.96 7.07 -8.15
C GLY C 77 -17.61 7.65 -7.85
N GLY C 78 -17.21 7.61 -6.57
CA GLY C 78 -15.93 8.14 -6.16
C GLY C 78 -16.02 9.58 -5.70
N ALA D 1 -10.55 24.89 43.40
CA ALA D 1 -9.21 24.36 43.23
C ALA D 1 -9.22 22.83 43.17
N LYS D 2 -8.20 22.21 43.76
CA LYS D 2 -8.06 20.75 43.80
C LYS D 2 -8.04 20.17 42.38
N ALA D 3 -7.02 20.56 41.62
CA ALA D 3 -6.90 20.10 40.24
C ALA D 3 -6.68 18.59 40.19
N LYS D 4 -7.35 17.95 39.24
CA LYS D 4 -7.26 16.51 39.06
C LYS D 4 -7.08 16.19 37.58
N THR D 5 -6.15 15.29 37.28
CA THR D 5 -5.85 14.96 35.90
C THR D 5 -6.91 14.03 35.32
N ARG D 6 -7.10 14.12 34.00
CA ARG D 6 -8.08 13.26 33.35
C ARG D 6 -7.65 11.81 33.33
N SER D 7 -6.35 11.54 33.31
CA SER D 7 -5.87 10.16 33.28
C SER D 7 -6.28 9.42 34.56
N SER D 8 -6.19 10.08 35.71
CA SER D 8 -6.56 9.43 36.97
C SER D 8 -8.05 9.11 37.00
N ARG D 9 -8.90 10.04 36.55
CA ARG D 9 -10.33 9.79 36.56
C ARG D 9 -10.70 8.76 35.50
N ALA D 10 -9.90 8.65 34.44
CA ALA D 10 -10.12 7.64 33.41
C ALA D 10 -9.47 6.31 33.73
N GLY D 11 -8.72 6.21 34.83
CA GLY D 11 -8.05 4.98 35.20
C GLY D 11 -7.04 4.54 34.17
N LEU D 12 -6.22 5.47 33.69
CA LEU D 12 -5.25 5.20 32.63
C LEU D 12 -3.90 5.79 33.01
N GLN D 13 -2.85 5.20 32.45
CA GLN D 13 -1.50 5.69 32.60
C GLN D 13 -1.01 6.45 31.37
N PHE D 14 -1.92 7.14 30.68
CA PHE D 14 -1.63 7.75 29.40
C PHE D 14 -2.06 9.22 29.42
N PRO D 15 -1.28 10.12 28.81
CA PRO D 15 -1.66 11.53 28.80
C PRO D 15 -2.83 11.82 27.88
N VAL D 16 -4.04 11.67 28.40
CA VAL D 16 -5.25 11.91 27.60
C VAL D 16 -5.26 13.34 27.09
N GLY D 17 -4.80 14.29 27.91
CA GLY D 17 -4.78 15.68 27.47
C GLY D 17 -3.84 15.89 26.29
N ARG D 18 -2.70 15.20 26.30
CA ARG D 18 -1.77 15.29 25.18
C ARG D 18 -2.40 14.75 23.91
N VAL D 19 -3.14 13.63 24.01
CA VAL D 19 -3.81 13.08 22.83
C VAL D 19 -4.89 14.03 22.34
N HIS D 20 -5.61 14.66 23.26
CA HIS D 20 -6.62 15.65 22.87
C HIS D 20 -5.99 16.82 22.14
N ARG D 21 -4.87 17.32 22.64
CA ARG D 21 -4.16 18.40 21.95
C ARG D 21 -3.66 17.96 20.58
N LEU D 22 -3.16 16.73 20.48
CA LEU D 22 -2.70 16.21 19.19
C LEU D 22 -3.85 16.11 18.20
N LEU D 23 -5.01 15.65 18.66
CA LEU D 23 -6.18 15.59 17.79
C LEU D 23 -6.62 16.98 17.35
N ARG D 24 -6.60 17.95 18.29
CA ARG D 24 -7.01 19.31 17.96
C ARG D 24 -6.09 19.94 16.93
N LYS D 25 -4.78 19.74 17.08
CA LYS D 25 -3.79 20.38 16.22
C LYS D 25 -3.41 19.54 15.00
N GLY D 26 -3.95 18.33 14.88
CA GLY D 26 -3.61 17.44 13.80
C GLY D 26 -4.40 17.59 12.53
N ASN D 27 -5.36 18.52 12.50
CA ASN D 27 -6.16 18.81 11.31
C ASN D 27 -6.93 17.57 10.82
N TYR D 28 -7.44 16.77 11.76
CA TYR D 28 -8.25 15.62 11.38
C TYR D 28 -9.71 15.98 11.18
N ALA D 29 -10.23 16.88 12.02
CA ALA D 29 -11.62 17.29 11.93
C ALA D 29 -11.77 18.69 12.50
N GLU D 30 -12.87 19.35 12.13
CA GLU D 30 -13.11 20.70 12.62
C GLU D 30 -13.33 20.73 14.13
N ARG D 31 -14.10 19.77 14.65
CA ARG D 31 -14.39 19.70 16.08
C ARG D 31 -14.12 18.28 16.57
N VAL D 32 -13.74 18.18 17.83
CA VAL D 32 -13.40 16.90 18.46
C VAL D 32 -14.25 16.73 19.71
N GLY D 33 -14.81 15.53 19.87
CA GLY D 33 -15.62 15.22 21.02
C GLY D 33 -14.82 15.09 22.29
N ALA D 34 -15.35 14.31 23.23
CA ALA D 34 -14.74 14.14 24.55
C ALA D 34 -14.13 12.77 24.75
N GLY D 35 -14.87 11.70 24.48
CA GLY D 35 -14.39 10.36 24.76
C GLY D 35 -13.44 9.77 23.74
N ALA D 36 -13.26 10.43 22.60
CA ALA D 36 -12.37 9.90 21.58
C ALA D 36 -10.92 9.84 22.04
N PRO D 37 -10.33 10.89 22.64
CA PRO D 37 -8.96 10.73 23.17
C PRO D 37 -8.85 9.68 24.26
N VAL D 38 -9.88 9.54 25.09
CA VAL D 38 -9.86 8.51 26.13
C VAL D 38 -9.82 7.13 25.52
N TYR D 39 -10.66 6.90 24.51
CA TYR D 39 -10.67 5.61 23.82
C TYR D 39 -9.32 5.35 23.14
N LEU D 40 -8.76 6.38 22.52
CA LEU D 40 -7.47 6.22 21.85
C LEU D 40 -6.37 5.87 22.84
N ALA D 41 -6.33 6.57 23.98
CA ALA D 41 -5.34 6.27 25.00
C ALA D 41 -5.53 4.85 25.54
N ALA D 42 -6.79 4.43 25.72
CA ALA D 42 -7.05 3.10 26.24
C ALA D 42 -6.56 2.02 25.28
N VAL D 43 -6.86 2.16 23.98
CA VAL D 43 -6.46 1.15 23.02
C VAL D 43 -4.94 1.15 22.85
N LEU D 44 -4.33 2.34 22.88
CA LEU D 44 -2.87 2.41 22.82
C LEU D 44 -2.23 1.71 24.00
N GLU D 45 -2.77 1.95 25.21
CA GLU D 45 -2.24 1.29 26.39
C GLU D 45 -2.39 -0.22 26.28
N TYR D 46 -3.54 -0.69 25.80
CA TYR D 46 -3.74 -2.12 25.63
C TYR D 46 -2.69 -2.72 24.69
N LEU D 47 -2.54 -2.13 23.50
CA LEU D 47 -1.65 -2.73 22.51
C LEU D 47 -0.20 -2.66 22.97
N THR D 48 0.20 -1.55 23.58
CA THR D 48 1.58 -1.45 24.04
C THR D 48 1.84 -2.37 25.22
N ALA D 49 0.84 -2.58 26.07
CA ALA D 49 1.01 -3.52 27.18
C ALA D 49 1.17 -4.94 26.65
N GLU D 50 0.37 -5.34 25.67
CA GLU D 50 0.49 -6.67 25.10
C GLU D 50 1.86 -6.85 24.44
N ILE D 51 2.28 -5.85 23.66
CA ILE D 51 3.57 -5.92 22.98
C ILE D 51 4.70 -6.05 23.99
N LEU D 52 4.68 -5.21 25.03
CA LEU D 52 5.76 -5.19 26.01
C LEU D 52 5.77 -6.47 26.83
N GLU D 53 4.59 -7.01 27.15
CA GLU D 53 4.53 -8.27 27.88
C GLU D 53 5.10 -9.40 27.06
N LEU D 54 4.76 -9.45 25.76
CA LEU D 54 5.33 -10.49 24.90
C LEU D 54 6.85 -10.36 24.81
N ALA D 55 7.33 -9.12 24.67
CA ALA D 55 8.78 -8.90 24.62
C ALA D 55 9.46 -9.33 25.92
N GLY D 56 8.83 -9.02 27.05
CA GLY D 56 9.40 -9.42 28.33
C GLY D 56 9.45 -10.92 28.52
N ASN D 57 8.38 -11.63 28.11
CA ASN D 57 8.41 -13.08 28.19
C ASN D 57 9.48 -13.66 27.27
N ALA D 58 9.63 -13.09 26.06
CA ALA D 58 10.69 -13.56 25.18
C ALA D 58 12.07 -13.35 25.80
N ALA D 59 12.30 -12.18 26.40
CA ALA D 59 13.59 -11.90 27.02
C ALA D 59 13.84 -12.85 28.19
N ARG D 60 12.81 -13.12 28.99
CA ARG D 60 12.97 -14.08 30.08
C ARG D 60 13.29 -15.48 29.56
N ASP D 61 12.62 -15.88 28.46
CA ASP D 61 12.91 -17.18 27.87
C ASP D 61 14.34 -17.24 27.35
N ASN D 62 14.89 -16.12 26.90
CA ASN D 62 16.29 -16.07 26.47
C ASN D 62 17.26 -15.86 27.63
N LYS D 63 16.78 -15.96 28.88
CA LYS D 63 17.61 -15.81 30.07
C LYS D 63 18.41 -14.50 30.04
N LYS D 64 17.67 -13.40 29.88
CA LYS D 64 18.27 -12.07 29.83
C LYS D 64 17.31 -11.09 30.48
N THR D 65 17.88 -10.16 31.25
CA THR D 65 17.10 -9.23 32.05
C THR D 65 16.46 -8.10 31.25
N ARG D 66 17.25 -7.37 30.46
CA ARG D 66 16.75 -6.25 29.70
C ARG D 66 16.09 -6.73 28.41
N ILE D 67 15.59 -5.79 27.62
CA ILE D 67 14.87 -6.07 26.40
C ILE D 67 15.62 -5.45 25.23
N ILE D 68 15.83 -6.24 24.18
CA ILE D 68 16.52 -5.76 22.98
C ILE D 68 15.62 -5.99 21.78
N PRO D 69 15.84 -5.26 20.68
CA PRO D 69 14.99 -5.43 19.49
C PRO D 69 14.96 -6.84 18.94
N ARG D 70 15.99 -7.65 19.20
CA ARG D 70 15.97 -9.03 18.75
C ARG D 70 14.82 -9.80 19.40
N HIS D 71 14.65 -9.63 20.72
CA HIS D 71 13.51 -10.23 21.40
C HIS D 71 12.20 -9.64 20.90
N LEU D 72 12.22 -8.35 20.54
CA LEU D 72 11.04 -7.73 19.95
C LEU D 72 10.63 -8.43 18.66
N GLN D 73 11.60 -8.73 17.80
CA GLN D 73 11.30 -9.41 16.54
C GLN D 73 10.83 -10.84 16.80
N LEU D 74 11.49 -11.54 17.73
CA LEU D 74 11.05 -12.90 18.05
C LEU D 74 9.62 -12.92 18.58
N ALA D 75 9.24 -11.93 19.38
CA ALA D 75 7.88 -11.89 19.91
C ALA D 75 6.87 -11.46 18.87
N VAL D 76 7.22 -10.50 18.00
CA VAL D 76 6.27 -10.02 17.01
C VAL D 76 6.03 -11.05 15.93
N ARG D 77 7.09 -11.69 15.41
CA ARG D 77 6.93 -12.60 14.29
C ARG D 77 6.34 -13.94 14.70
N ASN D 78 6.23 -14.23 15.99
CA ASN D 78 5.72 -15.51 16.45
C ASN D 78 4.22 -15.52 16.67
N ASP D 79 3.53 -14.40 16.42
CA ASP D 79 2.09 -14.30 16.59
C ASP D 79 1.51 -13.86 15.25
N GLU D 80 0.73 -14.73 14.62
CA GLU D 80 0.22 -14.47 13.28
C GLU D 80 -0.70 -13.25 13.27
N GLU D 81 -1.56 -13.11 14.29
CA GLU D 81 -2.42 -11.94 14.37
C GLU D 81 -1.60 -10.66 14.48
N LEU D 82 -0.55 -10.68 15.30
CA LEU D 82 0.40 -9.58 15.34
C LEU D 82 1.17 -9.46 14.04
N ASN D 83 1.49 -10.59 13.41
CA ASN D 83 2.29 -10.58 12.19
C ASN D 83 1.57 -9.83 11.07
N LYS D 84 0.26 -10.06 10.93
CA LYS D 84 -0.48 -9.37 9.88
C LYS D 84 -0.50 -7.87 10.12
N LEU D 85 -0.63 -7.45 11.38
CA LEU D 85 -0.59 -6.02 11.69
C LEU D 85 0.78 -5.43 11.36
N LEU D 86 1.85 -6.15 11.69
CA LEU D 86 3.21 -5.67 11.48
C LEU D 86 3.89 -6.37 10.32
N GLY D 87 3.10 -6.79 9.32
CA GLY D 87 3.68 -7.44 8.16
C GLY D 87 4.53 -6.52 7.31
N ARG D 88 4.08 -5.28 7.14
CA ARG D 88 4.77 -4.30 6.31
C ARG D 88 5.69 -3.38 7.11
N VAL D 89 6.20 -3.86 8.25
CA VAL D 89 7.06 -3.06 9.11
C VAL D 89 8.32 -3.85 9.43
N THR D 90 9.46 -3.17 9.33
CA THR D 90 10.75 -3.75 9.67
C THR D 90 11.34 -3.00 10.86
N ILE D 91 12.06 -3.72 11.70
CA ILE D 91 12.57 -3.21 12.98
C ILE D 91 14.08 -3.16 12.93
N ALA D 92 14.65 -2.11 13.51
CA ALA D 92 16.10 -1.95 13.53
C ALA D 92 16.75 -3.05 14.35
N GLN D 93 17.75 -3.71 13.76
CA GLN D 93 18.48 -4.80 14.41
C GLN D 93 17.53 -5.87 14.93
N GLY D 94 16.62 -6.32 14.07
CA GLY D 94 15.63 -7.29 14.47
C GLY D 94 15.98 -8.71 14.09
N GLY D 95 16.73 -8.88 13.00
CA GLY D 95 17.09 -10.21 12.55
C GLY D 95 15.92 -10.91 11.87
N VAL D 96 16.09 -12.21 11.69
CA VAL D 96 15.11 -13.05 11.00
C VAL D 96 14.81 -14.27 11.86
N LEU D 97 13.66 -14.89 11.57
CA LEU D 97 13.26 -16.12 12.26
C LEU D 97 14.08 -17.29 11.72
N PRO D 98 14.77 -18.05 12.57
CA PRO D 98 15.59 -19.16 12.07
C PRO D 98 14.74 -20.32 11.58
N ASN D 99 14.80 -20.55 10.26
CA ASN D 99 14.02 -21.61 9.63
C ASN D 99 14.82 -22.20 8.47
N ILE D 100 14.60 -23.49 8.20
CA ILE D 100 15.22 -24.20 7.09
C ILE D 100 14.17 -25.05 6.41
N GLN D 101 14.13 -25.02 5.07
CA GLN D 101 13.27 -25.92 4.32
C GLN D 101 13.72 -27.36 4.52
N SER D 102 12.76 -28.27 4.66
CA SER D 102 13.07 -29.62 5.08
C SER D 102 13.90 -30.38 4.04
N VAL D 103 13.96 -29.89 2.81
CA VAL D 103 14.61 -30.64 1.73
C VAL D 103 16.11 -30.68 1.92
N LEU D 104 16.72 -29.54 2.26
CA LEU D 104 18.17 -29.41 2.12
C LEU D 104 18.94 -30.08 3.24
N LEU D 105 18.26 -30.56 4.28
CA LEU D 105 18.93 -31.38 5.28
C LEU D 105 19.29 -32.73 4.68
N PRO D 106 20.31 -33.39 5.24
CA PRO D 106 20.72 -34.69 4.70
C PRO D 106 19.63 -35.74 4.85
N LYS D 107 19.92 -36.94 4.31
CA LYS D 107 18.93 -38.01 4.31
C LYS D 107 18.57 -38.43 5.72
N CYS D 108 19.56 -38.56 6.60
CA CYS D 108 19.31 -38.99 7.97
C CYS D 108 20.33 -38.36 8.93
N ILE E 1 8.01 7.97 30.18
CA ILE E 1 7.47 7.66 31.49
C ILE E 1 6.34 6.65 31.39
N TYR E 2 5.43 6.85 30.44
CA TYR E 2 4.24 6.02 30.36
C TYR E 2 4.58 4.60 29.93
N VAL E 3 5.49 4.45 28.97
CA VAL E 3 5.92 3.10 28.57
C VAL E 3 6.66 2.42 29.70
N TYR E 4 7.45 3.19 30.48
CA TYR E 4 8.12 2.61 31.63
C TYR E 4 7.11 2.10 32.66
N LYS E 5 6.05 2.89 32.92
CA LYS E 5 5.02 2.45 33.86
C LYS E 5 4.28 1.24 33.32
N VAL E 6 4.07 1.17 32.01
CA VAL E 6 3.44 0.00 31.41
C VAL E 6 4.30 -1.24 31.63
N LEU E 7 5.61 -1.10 31.43
CA LEU E 7 6.53 -2.20 31.70
C LEU E 7 6.47 -2.61 33.17
N LYS E 8 6.46 -1.64 34.09
CA LYS E 8 6.45 -1.96 35.51
C LYS E 8 5.16 -2.64 35.92
N GLN E 9 4.03 -2.28 35.29
CA GLN E 9 2.75 -2.87 35.67
C GLN E 9 2.61 -4.31 35.23
N VAL E 10 3.44 -4.78 34.30
CA VAL E 10 3.40 -6.17 33.84
C VAL E 10 4.66 -6.93 34.24
N HIS E 11 5.83 -6.30 34.15
CA HIS E 11 7.10 -6.91 34.50
C HIS E 11 7.87 -5.98 35.40
N PRO E 12 7.67 -6.04 36.72
CA PRO E 12 8.37 -5.13 37.64
C PRO E 12 9.85 -5.45 37.81
N ASP E 13 10.34 -6.56 37.26
CA ASP E 13 11.73 -6.96 37.40
C ASP E 13 12.37 -7.17 36.03
N THR E 14 11.92 -6.40 35.03
CA THR E 14 12.47 -6.48 33.69
C THR E 14 12.71 -5.08 33.17
N GLY E 15 13.93 -4.83 32.70
CA GLY E 15 14.28 -3.53 32.15
C GLY E 15 14.21 -3.49 30.63
N ILE E 16 14.51 -2.31 30.09
CA ILE E 16 14.49 -2.09 28.66
C ILE E 16 15.74 -1.32 28.26
N SER E 17 16.09 -1.39 26.97
CA SER E 17 17.24 -0.68 26.44
C SER E 17 16.77 0.68 25.88
N SER E 18 17.69 1.40 25.23
CA SER E 18 17.38 2.74 24.74
C SER E 18 16.71 2.69 23.37
N LYS E 19 17.33 2.01 22.41
CA LYS E 19 16.78 1.92 21.06
C LYS E 19 15.47 1.14 21.05
N ALA E 20 15.38 0.09 21.86
CA ALA E 20 14.15 -0.71 21.94
C ALA E 20 12.96 0.10 22.44
N MET E 21 13.20 1.24 23.10
CA MET E 21 12.11 2.13 23.48
C MET E 21 11.78 3.11 22.35
N SER E 22 12.78 3.57 21.60
CA SER E 22 12.48 4.39 20.44
C SER E 22 11.66 3.60 19.42
N ILE E 23 11.88 2.29 19.35
CA ILE E 23 11.04 1.45 18.50
C ILE E 23 9.60 1.49 18.96
N MET E 24 9.38 1.38 20.27
CA MET E 24 8.02 1.46 20.81
C MET E 24 7.39 2.81 20.54
N ASN E 25 8.16 3.88 20.69
CA ASN E 25 7.66 5.23 20.44
C ASN E 25 7.24 5.38 18.99
N SER E 26 8.07 4.90 18.06
CA SER E 26 7.72 4.98 16.65
C SER E 26 6.49 4.14 16.34
N PHE E 27 6.39 2.96 16.95
CA PHE E 27 5.21 2.13 16.76
C PHE E 27 3.95 2.85 17.23
N VAL E 28 3.99 3.43 18.43
CA VAL E 28 2.82 4.09 18.98
C VAL E 28 2.44 5.28 18.11
N ASN E 29 3.43 6.07 17.68
CA ASN E 29 3.17 7.21 16.82
C ASN E 29 2.54 6.77 15.50
N ASP E 30 3.06 5.69 14.91
CA ASP E 30 2.54 5.20 13.64
C ASP E 30 1.10 4.74 13.79
N VAL E 31 0.81 3.98 14.85
CA VAL E 31 -0.56 3.49 15.05
C VAL E 31 -1.49 4.66 15.34
N PHE E 32 -1.01 5.66 16.07
CA PHE E 32 -1.82 6.85 16.34
C PHE E 32 -2.24 7.53 15.05
N GLU E 33 -1.30 7.72 14.12
CA GLU E 33 -1.65 8.31 12.83
C GLU E 33 -2.59 7.41 12.04
N ARG E 34 -2.31 6.11 12.01
CA ARG E 34 -3.11 5.18 11.22
C ARG E 34 -4.55 5.12 11.71
N ILE E 35 -4.77 5.34 12.99
CA ILE E 35 -6.12 5.33 13.55
C ILE E 35 -6.77 6.71 13.44
N ALA E 36 -6.02 7.78 13.70
CA ALA E 36 -6.60 9.11 13.66
C ALA E 36 -7.02 9.50 12.25
N GLY E 37 -6.18 9.21 11.24
CA GLY E 37 -6.57 9.50 9.88
C GLY E 37 -7.79 8.70 9.44
N GLU E 38 -7.85 7.43 9.86
CA GLU E 38 -9.00 6.59 9.56
C GLU E 38 -10.28 7.15 10.18
N ALA E 39 -10.21 7.54 11.45
CA ALA E 39 -11.38 8.10 12.12
C ALA E 39 -11.80 9.40 11.47
N SER E 40 -10.83 10.24 11.08
CA SER E 40 -11.15 11.48 10.40
C SER E 40 -11.82 11.21 9.06
N ARG E 41 -11.36 10.20 8.32
CA ARG E 41 -11.98 9.89 7.04
C ARG E 41 -13.39 9.37 7.22
N LEU E 42 -13.62 8.56 8.27
CA LEU E 42 -14.99 8.15 8.56
C LEU E 42 -15.87 9.34 8.93
N ALA E 43 -15.32 10.29 9.70
CA ALA E 43 -16.10 11.47 10.08
C ALA E 43 -16.48 12.29 8.84
N HIS E 44 -15.53 12.47 7.92
CA HIS E 44 -15.83 13.22 6.71
C HIS E 44 -16.70 12.43 5.74
N TYR E 45 -16.70 11.10 5.85
CA TYR E 45 -17.46 10.27 4.91
C TYR E 45 -18.96 10.51 5.04
N ASN E 46 -19.46 10.65 6.26
CA ASN E 46 -20.87 10.94 6.50
C ASN E 46 -21.16 12.42 6.61
N LYS E 47 -20.31 13.26 6.02
CA LYS E 47 -20.47 14.72 6.05
C LYS E 47 -20.57 15.26 7.48
N ARG E 48 -19.83 14.65 8.40
CA ARG E 48 -19.94 15.02 9.81
C ARG E 48 -18.94 16.13 10.13
N SER E 49 -18.98 16.64 11.36
CA SER E 49 -18.06 17.67 11.79
C SER E 49 -17.40 17.39 13.12
N THR E 50 -17.79 16.33 13.83
CA THR E 50 -17.23 16.00 15.13
C THR E 50 -16.68 14.58 15.12
N ILE E 51 -15.62 14.36 15.89
CA ILE E 51 -15.06 13.03 16.08
C ILE E 51 -15.41 12.55 17.48
N THR E 52 -16.13 11.44 17.55
CA THR E 52 -16.59 10.87 18.81
C THR E 52 -16.08 9.43 18.95
N SER E 53 -16.58 8.75 19.98
CA SER E 53 -16.13 7.39 20.24
C SER E 53 -16.59 6.40 19.19
N ARG E 54 -17.68 6.69 18.48
CA ARG E 54 -18.23 5.72 17.53
C ARG E 54 -17.32 5.57 16.32
N GLU E 55 -16.85 6.69 15.76
CA GLU E 55 -15.95 6.62 14.61
C GLU E 55 -14.64 5.92 14.98
N ILE E 56 -14.09 6.23 16.15
CA ILE E 56 -12.85 5.58 16.56
C ILE E 56 -13.09 4.10 16.82
N GLN E 57 -14.26 3.74 17.35
CA GLN E 57 -14.59 2.33 17.54
C GLN E 57 -14.64 1.60 16.20
N THR E 58 -15.27 2.22 15.20
CA THR E 58 -15.32 1.59 13.88
C THR E 58 -13.93 1.48 13.27
N ALA E 59 -13.09 2.49 13.46
CA ALA E 59 -11.71 2.43 12.96
C ALA E 59 -10.94 1.31 13.64
N VAL E 60 -11.17 1.12 14.95
CA VAL E 60 -10.50 0.04 15.69
C VAL E 60 -10.95 -1.31 15.15
N ARG E 61 -12.26 -1.48 14.92
CA ARG E 61 -12.74 -2.74 14.36
C ARG E 61 -12.16 -2.97 12.96
N LEU E 62 -12.03 -1.91 12.17
CA LEU E 62 -11.46 -2.02 10.83
C LEU E 62 -10.00 -2.44 10.88
N LEU E 63 -9.21 -1.82 11.76
CA LEU E 63 -7.77 -2.00 11.74
C LEU E 63 -7.35 -3.28 12.48
N LEU E 64 -7.66 -3.36 13.77
CA LEU E 64 -7.20 -4.48 14.56
C LEU E 64 -7.86 -5.77 14.09
N PRO E 65 -7.10 -6.82 13.80
CA PRO E 65 -7.67 -8.05 13.28
C PRO E 65 -8.30 -8.93 14.39
N GLY E 66 -9.62 -8.99 14.37
CA GLY E 66 -10.33 -10.00 15.14
C GLY E 66 -10.21 -9.94 16.65
N GLU E 67 -9.46 -10.89 17.21
CA GLU E 67 -9.46 -11.07 18.65
C GLU E 67 -8.91 -9.84 19.37
N LEU E 68 -7.87 -9.23 18.80
CA LEU E 68 -7.36 -7.99 19.36
C LEU E 68 -8.44 -6.90 19.33
N ALA E 69 -9.22 -6.86 18.24
CA ALA E 69 -10.28 -5.86 18.15
C ALA E 69 -11.33 -6.05 19.22
N LYS E 70 -11.80 -7.29 19.41
CA LYS E 70 -12.84 -7.52 20.43
C LYS E 70 -12.30 -7.31 21.84
N HIS E 71 -11.02 -7.61 22.07
CA HIS E 71 -10.42 -7.27 23.36
C HIS E 71 -10.37 -5.76 23.54
N ALA E 72 -10.04 -5.03 22.47
CA ALA E 72 -9.88 -3.58 22.59
C ALA E 72 -11.22 -2.90 22.85
N VAL E 73 -12.29 -3.36 22.21
CA VAL E 73 -13.58 -2.70 22.33
C VAL E 73 -14.10 -2.78 23.77
N SER E 74 -13.91 -3.93 24.42
CA SER E 74 -14.40 -4.09 25.79
C SER E 74 -13.67 -3.16 26.74
N GLU E 75 -12.34 -3.12 26.63
CA GLU E 75 -11.56 -2.25 27.50
C GLU E 75 -11.87 -0.79 27.23
N GLY E 76 -12.06 -0.42 25.97
CA GLY E 76 -12.44 0.95 25.66
C GLY E 76 -13.79 1.32 26.22
N THR E 77 -14.73 0.38 26.16
CA THR E 77 -16.06 0.63 26.71
C THR E 77 -15.99 0.87 28.21
N LYS E 78 -15.32 -0.03 28.94
CA LYS E 78 -15.25 0.18 30.39
C LYS E 78 -14.51 1.47 30.71
N ALA E 79 -13.46 1.78 29.94
CA ALA E 79 -12.71 3.01 30.15
C ALA E 79 -13.55 4.25 29.91
N VAL E 80 -14.48 4.22 28.95
CA VAL E 80 -15.28 5.39 28.69
C VAL E 80 -16.41 5.50 29.71
N THR E 81 -16.91 4.36 30.20
CA THR E 81 -17.95 4.44 31.22
C THR E 81 -17.40 4.88 32.58
N LYS E 82 -16.17 4.52 32.94
CA LYS E 82 -15.64 5.05 34.20
C LYS E 82 -15.45 6.55 34.11
N TYR E 83 -15.11 7.04 32.92
CA TYR E 83 -15.04 8.49 32.71
C TYR E 83 -16.42 9.13 32.84
N THR E 84 -17.42 8.59 32.14
CA THR E 84 -18.76 9.16 32.19
C THR E 84 -19.40 8.98 33.57
N SER E 85 -19.06 7.90 34.28
CA SER E 85 -19.66 7.70 35.60
C SER E 85 -19.24 8.78 36.58
N ALA E 86 -17.96 9.17 36.57
CA ALA E 86 -17.43 10.21 37.45
C ALA E 86 -16.55 11.12 36.62
N LYS E 87 -17.06 12.30 36.28
CA LYS E 87 -16.30 13.27 35.49
C LYS E 87 -15.22 13.93 36.33
N TYR F 1 35.18 -32.14 5.29
CA TYR F 1 33.74 -32.31 5.50
C TYR F 1 33.03 -32.52 4.16
N ARG F 2 31.92 -33.24 4.22
CA ARG F 2 31.14 -33.48 3.02
C ARG F 2 30.60 -32.16 2.48
N PRO F 3 30.52 -32.00 1.15
CA PRO F 3 30.06 -30.72 0.60
C PRO F 3 28.66 -30.37 1.08
N GLY F 4 28.46 -29.09 1.39
CA GLY F 4 27.22 -28.61 1.94
C GLY F 4 27.11 -28.64 3.46
N THR F 5 27.98 -29.39 4.13
CA THR F 5 27.97 -29.40 5.59
C THR F 5 28.38 -28.06 6.16
N VAL F 6 29.44 -27.46 5.59
CA VAL F 6 29.85 -26.13 6.00
C VAL F 6 28.76 -25.12 5.68
N ALA F 7 28.05 -25.31 4.57
CA ALA F 7 26.92 -24.43 4.26
C ALA F 7 25.84 -24.50 5.33
N LEU F 8 25.52 -25.70 5.80
CA LEU F 8 24.54 -25.85 6.87
C LEU F 8 25.03 -25.20 8.15
N ARG F 9 26.31 -25.41 8.48
CA ARG F 9 26.88 -24.80 9.68
C ARG F 9 26.77 -23.29 9.62
N GLU F 10 27.10 -22.69 8.47
CA GLU F 10 27.01 -21.24 8.33
C GLU F 10 25.56 -20.77 8.35
N ILE F 11 24.64 -21.55 7.78
CA ILE F 11 23.23 -21.16 7.78
C ILE F 11 22.72 -21.06 9.21
N ARG F 12 22.95 -22.11 10.01
CA ARG F 12 22.55 -22.10 11.41
C ARG F 12 23.34 -21.08 12.23
N ARG F 13 24.58 -20.77 11.84
CA ARG F 13 25.37 -19.79 12.59
C ARG F 13 24.86 -18.38 12.37
N TYR F 14 24.57 -18.02 11.11
CA TYR F 14 24.39 -16.61 10.78
C TYR F 14 22.93 -16.17 10.88
N GLN F 15 21.98 -17.09 10.84
CA GLN F 15 20.60 -16.64 10.96
C GLN F 15 20.23 -16.19 12.36
N LYS F 16 20.97 -16.62 13.38
CA LYS F 16 20.73 -16.22 14.75
C LYS F 16 21.23 -14.81 15.04
N SER F 17 22.36 -14.43 14.46
CA SER F 17 22.94 -13.11 14.69
C SER F 17 22.10 -12.03 13.98
N THR F 18 22.38 -10.78 14.33
CA THR F 18 21.62 -9.66 13.81
C THR F 18 22.46 -8.52 13.24
N GLU F 19 23.79 -8.60 13.33
CA GLU F 19 24.63 -7.49 12.91
C GLU F 19 24.65 -7.40 11.39
N LEU F 20 25.18 -6.26 10.90
CA LEU F 20 25.17 -5.97 9.48
C LEU F 20 26.17 -6.84 8.73
N LEU F 21 26.01 -6.90 7.41
CA LEU F 21 26.81 -7.73 6.55
C LEU F 21 27.70 -6.98 5.57
N ILE F 22 27.49 -5.68 5.40
CA ILE F 22 28.24 -4.88 4.45
C ILE F 22 29.05 -3.85 5.23
N ARG F 23 30.34 -3.73 4.89
CA ARG F 23 31.19 -2.78 5.56
C ARG F 23 30.69 -1.36 5.35
N LYS F 24 30.81 -0.54 6.40
CA LYS F 24 30.17 0.77 6.41
C LYS F 24 30.76 1.70 5.35
N LEU F 25 32.09 1.70 5.21
CA LEU F 25 32.73 2.65 4.30
C LEU F 25 32.37 2.42 2.84
N PRO F 26 32.39 1.19 2.30
CA PRO F 26 31.95 1.01 0.90
C PRO F 26 30.52 1.43 0.67
N PHE F 27 29.63 1.13 1.62
CA PHE F 27 28.23 1.52 1.47
C PHE F 27 28.08 3.05 1.49
N GLN F 28 28.83 3.71 2.38
CA GLN F 28 28.81 5.17 2.42
C GLN F 28 29.31 5.74 1.10
N ARG F 29 30.38 5.18 0.55
CA ARG F 29 30.90 5.65 -0.73
C ARG F 29 29.86 5.45 -1.84
N LEU F 30 29.18 4.30 -1.85
CA LEU F 30 28.16 4.05 -2.86
C LEU F 30 27.01 5.05 -2.75
N VAL F 31 26.55 5.31 -1.53
CA VAL F 31 25.45 6.25 -1.34
C VAL F 31 25.87 7.64 -1.78
N ARG F 32 27.08 8.06 -1.41
CA ARG F 32 27.56 9.38 -1.82
C ARG F 32 27.68 9.48 -3.34
N GLU F 33 28.18 8.42 -3.98
CA GLU F 33 28.31 8.43 -5.44
C GLU F 33 26.94 8.53 -6.11
N ILE F 34 25.95 7.80 -5.59
CA ILE F 34 24.62 7.85 -6.18
C ILE F 34 24.00 9.22 -5.96
N ALA F 35 24.24 9.83 -4.79
CA ALA F 35 23.66 11.13 -4.48
C ALA F 35 24.18 12.24 -5.37
N GLN F 36 25.35 12.07 -6.00
CA GLN F 36 25.88 13.11 -6.86
C GLN F 36 24.98 13.33 -8.08
N ASP F 37 24.40 12.24 -8.61
CA ASP F 37 23.60 12.33 -9.82
C ASP F 37 22.36 13.20 -9.65
N PHE F 38 21.82 13.28 -8.44
CA PHE F 38 20.62 14.09 -8.21
C PHE F 38 20.97 15.51 -7.82
N LYS F 39 21.92 15.68 -6.90
CA LYS F 39 22.35 17.01 -6.47
C LYS F 39 23.71 16.87 -5.82
N THR F 40 24.72 17.52 -6.40
CA THR F 40 26.06 17.52 -5.82
C THR F 40 26.15 18.56 -4.71
N ASP F 41 27.30 18.58 -4.03
CA ASP F 41 27.55 19.47 -2.90
C ASP F 41 26.47 19.30 -1.83
N LEU F 42 26.34 18.06 -1.35
CA LEU F 42 25.38 17.72 -0.33
C LEU F 42 26.09 17.38 0.97
N ARG F 43 25.32 17.00 1.99
CA ARG F 43 25.88 16.57 3.26
C ARG F 43 24.98 15.49 3.81
N PHE F 44 25.58 14.42 4.33
CA PHE F 44 24.84 13.24 4.76
C PHE F 44 25.02 13.02 6.26
N GLN F 45 23.99 12.46 6.88
CA GLN F 45 24.04 12.06 8.28
C GLN F 45 24.18 10.55 8.37
N SER F 46 25.06 10.12 9.28
CA SER F 46 25.35 8.70 9.40
C SER F 46 24.08 7.93 9.64
N SER F 47 23.13 8.50 10.40
CA SER F 47 21.85 7.83 10.67
C SER F 47 21.14 7.43 9.40
N ALA F 48 21.11 8.34 8.44
CA ALA F 48 20.52 8.02 7.15
C ALA F 48 21.31 6.91 6.45
N VAL F 49 22.63 6.90 6.61
CA VAL F 49 23.45 5.88 5.97
C VAL F 49 23.08 4.50 6.48
N MET F 50 23.01 4.34 7.81
CA MET F 50 22.64 3.03 8.33
C MET F 50 21.17 2.70 8.10
N ALA F 51 20.30 3.71 7.99
CA ALA F 51 18.91 3.43 7.62
C ALA F 51 18.83 2.82 6.23
N LEU F 52 19.50 3.45 5.26
CA LEU F 52 19.59 2.88 3.92
C LEU F 52 20.22 1.50 3.95
N GLN F 53 21.26 1.33 4.76
CA GLN F 53 21.93 0.04 4.87
C GLN F 53 20.95 -1.05 5.30
N GLU F 54 20.22 -0.82 6.38
CA GLU F 54 19.34 -1.87 6.90
C GLU F 54 18.14 -2.08 5.99
N ALA F 55 17.65 -1.02 5.35
CA ALA F 55 16.58 -1.21 4.37
C ALA F 55 17.04 -2.09 3.21
N SER F 56 18.26 -1.84 2.71
CA SER F 56 18.81 -2.68 1.65
C SER F 56 18.94 -4.13 2.11
N GLU F 57 19.43 -4.33 3.34
CA GLU F 57 19.56 -5.69 3.85
C GLU F 57 18.21 -6.38 3.93
N ALA F 58 17.18 -5.67 4.42
CA ALA F 58 15.86 -6.26 4.54
C ALA F 58 15.29 -6.65 3.18
N TYR F 59 15.41 -5.75 2.19
CA TYR F 59 14.87 -6.07 0.87
C TYR F 59 15.62 -7.23 0.22
N LEU F 60 16.95 -7.25 0.35
CA LEU F 60 17.69 -8.36 -0.25
C LEU F 60 17.38 -9.67 0.44
N VAL F 61 17.18 -9.63 1.77
CA VAL F 61 16.82 -10.84 2.49
C VAL F 61 15.49 -11.33 2.02
N GLY F 62 14.52 -10.40 1.86
CA GLY F 62 13.24 -10.72 1.22
C GLY F 62 13.36 -11.38 -0.14
N LEU F 63 14.13 -10.79 -0.99
CA LEU F 63 14.30 -11.34 -2.31
C LEU F 63 14.97 -12.70 -2.27
N PHE F 64 15.85 -12.92 -1.29
CA PHE F 64 16.54 -14.21 -1.20
C PHE F 64 15.60 -15.32 -0.75
N GLU F 65 14.74 -15.11 0.23
CA GLU F 65 13.82 -16.21 0.56
C GLU F 65 12.81 -16.43 -0.56
N ASP F 66 12.41 -15.35 -1.27
CA ASP F 66 11.57 -15.60 -2.45
C ASP F 66 12.31 -16.43 -3.50
N THR F 67 13.59 -16.13 -3.73
CA THR F 67 14.39 -16.94 -4.65
C THR F 67 14.51 -18.37 -4.16
N ASN F 68 14.60 -18.56 -2.83
CA ASN F 68 14.66 -19.91 -2.29
C ASN F 68 13.38 -20.67 -2.58
N LEU F 69 12.22 -20.01 -2.45
CA LEU F 69 10.95 -20.67 -2.80
C LEU F 69 10.91 -21.01 -4.28
N CYS F 70 11.37 -20.09 -5.13
CA CYS F 70 11.40 -20.39 -6.56
C CYS F 70 12.31 -21.59 -6.84
N ALA F 71 13.47 -21.65 -6.19
CA ALA F 71 14.42 -22.74 -6.41
C ALA F 71 13.85 -24.07 -5.94
N ILE F 72 13.20 -24.11 -4.78
CA ILE F 72 12.63 -25.36 -4.30
C ILE F 72 11.47 -25.80 -5.19
N HIS F 73 10.68 -24.85 -5.72
CA HIS F 73 9.65 -25.23 -6.68
C HIS F 73 10.24 -25.75 -7.97
N ALA F 74 11.42 -25.24 -8.34
CA ALA F 74 12.07 -25.64 -9.59
C ALA F 74 12.76 -26.99 -9.47
N LYS F 75 12.49 -27.76 -8.42
CA LYS F 75 13.09 -29.07 -8.20
C LYS F 75 14.61 -28.99 -8.20
N ARG F 76 15.13 -27.93 -7.61
CA ARG F 76 16.56 -27.66 -7.56
C ARG F 76 16.98 -27.33 -6.13
N VAL F 77 18.30 -27.29 -5.92
CA VAL F 77 18.85 -26.89 -4.63
C VAL F 77 19.65 -25.61 -4.82
N THR F 78 20.13 -25.40 -6.03
CA THR F 78 20.87 -24.19 -6.37
C THR F 78 19.88 -23.06 -6.65
N ILE F 79 20.41 -21.86 -6.90
CA ILE F 79 19.60 -20.69 -7.23
C ILE F 79 20.10 -20.13 -8.54
N MET F 80 19.17 -19.79 -9.43
CA MET F 80 19.46 -19.37 -10.79
C MET F 80 18.76 -18.05 -11.05
N PRO F 81 19.27 -17.25 -12.01
CA PRO F 81 18.69 -15.92 -12.22
C PRO F 81 17.23 -15.95 -12.66
N LYS F 82 16.82 -16.96 -13.42
CA LYS F 82 15.40 -17.05 -13.80
C LYS F 82 14.52 -17.00 -12.57
N ASP F 83 14.97 -17.62 -11.47
CA ASP F 83 14.23 -17.55 -10.22
C ASP F 83 14.14 -16.12 -9.68
N ILE F 84 15.24 -15.36 -9.76
CA ILE F 84 15.23 -14.03 -9.15
C ILE F 84 14.33 -13.08 -9.94
N GLN F 85 14.39 -13.15 -11.28
CA GLN F 85 13.44 -12.33 -12.02
C GLN F 85 12.01 -12.85 -11.92
N LEU F 86 11.79 -14.15 -11.75
CA LEU F 86 10.44 -14.65 -11.50
C LEU F 86 9.88 -14.07 -10.21
N ALA F 87 10.69 -14.06 -9.15
CA ALA F 87 10.24 -13.51 -7.87
C ALA F 87 9.99 -12.01 -8.00
N ARG F 88 10.85 -11.30 -8.73
CA ARG F 88 10.62 -9.87 -8.93
C ARG F 88 9.34 -9.60 -9.72
N ARG F 89 9.06 -10.41 -10.74
CA ARG F 89 7.88 -10.22 -11.58
C ARG F 89 6.59 -10.56 -10.86
N ILE F 90 6.56 -11.65 -10.09
CA ILE F 90 5.32 -12.05 -9.42
C ILE F 90 4.89 -10.99 -8.41
N ARG F 91 5.86 -10.46 -7.65
CA ARG F 91 5.54 -9.41 -6.69
C ARG F 91 5.01 -8.15 -7.39
N GLY F 92 5.57 -7.82 -8.55
CA GLY F 92 5.02 -6.78 -9.39
C GLY F 92 5.78 -5.47 -9.46
N GLU F 93 6.96 -5.39 -8.85
CA GLU F 93 7.76 -4.16 -8.96
C GLU F 93 8.20 -3.92 -10.41
N ARG F 94 8.60 -4.99 -11.10
CA ARG F 94 9.09 -4.89 -12.47
C ARG F 94 7.98 -5.10 -13.50
N ALA F 95 6.72 -5.10 -13.08
CA ALA F 95 5.60 -5.29 -14.00
C ALA F 95 5.51 -4.16 -15.01
N ASP G 1 33.45 3.18 -10.54
CA ASP G 1 33.80 1.77 -10.35
C ASP G 1 33.78 1.44 -8.85
N ASN G 2 32.57 1.48 -8.28
CA ASN G 2 32.37 1.31 -6.85
C ASN G 2 31.30 0.28 -6.51
N ILE G 3 30.33 0.03 -7.40
CA ILE G 3 29.25 -0.90 -7.09
C ILE G 3 29.81 -2.30 -6.84
N GLN G 4 30.96 -2.61 -7.44
CA GLN G 4 31.63 -3.89 -7.22
C GLN G 4 32.20 -4.01 -5.82
N GLY G 5 32.17 -2.93 -5.03
CA GLY G 5 32.60 -3.01 -3.65
C GLY G 5 31.75 -3.93 -2.80
N ILE G 6 30.57 -4.31 -3.28
CA ILE G 6 29.77 -5.33 -2.63
C ILE G 6 30.39 -6.67 -2.98
N THR G 7 31.30 -7.14 -2.13
CA THR G 7 32.10 -8.30 -2.43
C THR G 7 31.27 -9.54 -2.51
N LYS G 8 31.82 -10.47 -3.27
CA LYS G 8 31.20 -11.81 -3.24
C LYS G 8 31.12 -12.32 -1.79
N PRO G 9 32.09 -12.34 -0.71
CA PRO G 9 31.54 -13.10 0.30
C PRO G 9 30.47 -12.49 0.96
N ALA G 10 30.28 -11.18 0.78
CA ALA G 10 29.18 -10.49 1.43
C ALA G 10 27.85 -11.00 0.91
N ILE G 11 27.74 -11.17 -0.41
CA ILE G 11 26.51 -11.69 -1.00
C ILE G 11 26.29 -13.13 -0.57
N ARG G 12 27.36 -13.92 -0.50
CA ARG G 12 27.23 -15.30 -0.01
C ARG G 12 26.72 -15.35 1.42
N ARG G 13 27.26 -14.47 2.28
CA ARG G 13 26.78 -14.41 3.67
C ARG G 13 25.32 -14.00 3.72
N LEU G 14 24.93 -13.01 2.91
CA LEU G 14 23.54 -12.57 2.87
C LEU G 14 22.61 -13.69 2.42
N ALA G 15 23.02 -14.44 1.40
CA ALA G 15 22.18 -15.53 0.91
C ALA G 15 22.12 -16.68 1.92
N ARG G 16 23.22 -16.95 2.61
CA ARG G 16 23.20 -17.97 3.66
C ARG G 16 22.29 -17.55 4.80
N ARG G 17 22.24 -16.25 5.10
CA ARG G 17 21.22 -15.75 6.01
C ARG G 17 19.83 -15.97 5.44
N GLY G 18 19.68 -15.79 4.12
CA GLY G 18 18.43 -16.17 3.49
C GLY G 18 18.16 -17.66 3.60
N GLY G 19 19.21 -18.47 3.55
CA GLY G 19 19.08 -19.90 3.77
C GLY G 19 19.21 -20.74 2.52
N VAL G 20 20.09 -20.34 1.60
CA VAL G 20 20.32 -21.07 0.38
C VAL G 20 21.40 -22.12 0.63
N LYS G 21 21.33 -23.20 -0.13
CA LYS G 21 22.32 -24.28 -0.03
C LYS G 21 23.41 -24.17 -1.08
N ARG G 22 23.06 -23.82 -2.31
CA ARG G 22 24.01 -23.67 -3.40
C ARG G 22 23.81 -22.33 -4.07
N ILE G 23 24.90 -21.71 -4.51
CA ILE G 23 24.89 -20.37 -5.07
C ILE G 23 25.56 -20.40 -6.44
N SER G 24 24.90 -19.83 -7.44
CA SER G 24 25.47 -19.72 -8.78
C SER G 24 26.36 -18.49 -8.85
N GLY G 25 26.90 -18.19 -10.04
CA GLY G 25 27.79 -17.07 -10.19
C GLY G 25 27.20 -15.91 -10.97
N LEU G 26 26.04 -16.12 -11.58
CA LEU G 26 25.41 -15.11 -12.41
C LEU G 26 24.51 -14.16 -11.61
N ILE G 27 24.25 -14.47 -10.35
CA ILE G 27 23.35 -13.64 -9.54
C ILE G 27 24.07 -12.45 -8.92
N TYR G 28 25.40 -12.47 -8.88
CA TYR G 28 26.16 -11.44 -8.19
C TYR G 28 25.98 -10.06 -8.80
N GLU G 29 25.69 -9.97 -10.10
CA GLU G 29 25.45 -8.69 -10.76
C GLU G 29 23.97 -8.30 -10.77
N GLU G 30 23.07 -9.26 -10.86
CA GLU G 30 21.64 -8.94 -10.83
C GLU G 30 21.23 -8.45 -9.44
N THR G 31 21.83 -9.02 -8.40
CA THR G 31 21.62 -8.49 -7.06
C THR G 31 22.14 -7.07 -6.93
N ARG G 32 23.29 -6.78 -7.56
CA ARG G 32 23.79 -5.41 -7.53
C ARG G 32 22.84 -4.45 -8.24
N GLY G 33 22.31 -4.88 -9.37
CA GLY G 33 21.38 -4.07 -10.13
C GLY G 33 20.12 -3.73 -9.37
N VAL G 34 19.51 -4.74 -8.75
CA VAL G 34 18.36 -4.47 -7.90
C VAL G 34 18.75 -3.60 -6.71
N LEU G 35 19.99 -3.75 -6.22
CA LEU G 35 20.43 -2.88 -5.15
C LEU G 35 20.40 -1.42 -5.60
N LYS G 36 21.05 -1.11 -6.72
CA LYS G 36 21.14 0.30 -7.12
C LYS G 36 19.76 0.84 -7.48
N VAL G 37 18.88 0.02 -8.06
CA VAL G 37 17.55 0.55 -8.33
C VAL G 37 16.84 0.87 -7.02
N PHE G 38 16.98 0.01 -6.01
CA PHE G 38 16.46 0.34 -4.69
C PHE G 38 17.01 1.66 -4.19
N LEU G 39 18.34 1.81 -4.16
CA LEU G 39 18.92 3.00 -3.56
C LEU G 39 18.53 4.26 -4.32
N GLU G 40 18.56 4.25 -5.66
CA GLU G 40 18.26 5.50 -6.34
C GLU G 40 16.78 5.84 -6.18
N ASN G 41 15.92 4.81 -6.09
CA ASN G 41 14.53 5.07 -5.80
C ASN G 41 14.36 5.75 -4.44
N VAL G 42 15.10 5.30 -3.42
CA VAL G 42 14.97 5.92 -2.11
C VAL G 42 15.59 7.32 -2.09
N ILE G 43 16.79 7.46 -2.65
CA ILE G 43 17.51 8.72 -2.47
C ILE G 43 16.97 9.81 -3.38
N ARG G 44 16.24 9.48 -4.45
CA ARG G 44 15.59 10.54 -5.20
C ARG G 44 14.55 11.26 -4.33
N ASP G 45 13.71 10.49 -3.64
CA ASP G 45 12.77 11.09 -2.70
C ASP G 45 13.49 11.74 -1.53
N ALA G 46 14.56 11.12 -1.04
CA ALA G 46 15.31 11.69 0.07
C ALA G 46 15.88 13.06 -0.28
N VAL G 47 16.44 13.19 -1.49
CA VAL G 47 17.01 14.45 -1.92
C VAL G 47 15.92 15.48 -2.20
N THR G 48 14.81 15.07 -2.81
CA THR G 48 13.78 16.06 -3.10
C THR G 48 13.11 16.57 -1.83
N TYR G 49 13.05 15.74 -0.77
CA TYR G 49 12.54 16.22 0.51
C TYR G 49 13.42 17.34 1.06
N THR G 50 14.73 17.15 1.03
CA THR G 50 15.64 18.19 1.48
C THR G 50 15.56 19.43 0.60
N GLU G 51 15.41 19.23 -0.71
CA GLU G 51 15.30 20.36 -1.62
C GLU G 51 14.06 21.19 -1.30
N HIS G 52 12.94 20.51 -1.02
CA HIS G 52 11.75 21.22 -0.57
C HIS G 52 12.02 21.93 0.76
N ALA G 53 12.74 21.28 1.66
CA ALA G 53 13.15 21.90 2.92
C ALA G 53 14.23 22.94 2.73
N LYS G 54 14.77 23.07 1.52
CA LYS G 54 15.84 24.01 1.14
C LYS G 54 16.96 24.05 2.20
N ARG G 55 17.50 22.87 2.47
CA ARG G 55 18.70 22.72 3.28
C ARG G 55 19.78 22.00 2.46
N LYS G 56 20.92 21.76 3.10
CA LYS G 56 22.04 21.11 2.43
C LYS G 56 22.49 19.84 3.13
N THR G 57 21.74 19.36 4.12
CA THR G 57 22.08 18.14 4.85
C THR G 57 20.88 17.20 4.83
N VAL G 58 21.17 15.91 4.62
CA VAL G 58 20.13 14.88 4.59
C VAL G 58 20.19 14.13 5.91
N THR G 59 19.09 14.18 6.66
CA THR G 59 19.02 13.53 7.96
C THR G 59 18.27 12.21 7.83
N ALA G 60 18.17 11.48 8.96
CA ALA G 60 17.45 10.22 8.96
C ALA G 60 15.95 10.43 8.78
N MET G 61 15.45 11.59 9.15
CA MET G 61 14.02 11.86 9.04
C MET G 61 13.55 11.77 7.60
N ASP G 62 14.28 12.39 6.68
CA ASP G 62 13.88 12.39 5.27
C ASP G 62 13.92 10.98 4.69
N VAL G 63 14.96 10.20 4.99
CA VAL G 63 15.08 8.88 4.39
C VAL G 63 14.02 7.94 4.93
N VAL G 64 13.77 7.99 6.25
CA VAL G 64 12.73 7.12 6.81
C VAL G 64 11.35 7.58 6.32
N TYR G 65 11.17 8.88 6.12
CA TYR G 65 9.91 9.41 5.60
C TYR G 65 9.64 8.87 4.21
N ALA G 66 10.65 8.95 3.33
CA ALA G 66 10.50 8.43 1.98
C ALA G 66 10.32 6.92 1.97
N LEU G 67 11.01 6.21 2.87
CA LEU G 67 10.84 4.76 2.95
C LEU G 67 9.42 4.40 3.36
N LYS G 68 8.83 5.16 4.28
CA LYS G 68 7.45 4.91 4.68
C LYS G 68 6.49 5.30 3.56
N ARG G 69 6.86 6.28 2.73
CA ARG G 69 5.98 6.70 1.64
C ARG G 69 5.78 5.59 0.62
N GLN G 70 6.81 4.78 0.36
CA GLN G 70 6.72 3.67 -0.56
C GLN G 70 6.00 2.47 0.06
N GLY G 71 5.74 2.52 1.36
CA GLY G 71 5.12 1.41 2.04
C GLY G 71 6.12 0.41 2.58
N ARG G 72 7.26 0.89 3.06
CA ARG G 72 8.30 0.05 3.67
C ARG G 72 8.79 0.70 4.95
N THR G 73 7.85 1.14 5.78
CA THR G 73 8.19 1.88 6.98
C THR G 73 9.06 1.06 7.92
N LEU G 74 10.01 1.74 8.56
CA LEU G 74 11.02 1.10 9.39
C LEU G 74 11.03 1.77 10.76
N TYR G 75 11.05 0.96 11.81
CA TYR G 75 11.08 1.45 13.18
C TYR G 75 12.51 1.55 13.68
N GLY G 76 12.68 2.23 14.81
CA GLY G 76 13.96 2.35 15.45
C GLY G 76 14.78 3.56 15.06
N PHE G 77 14.23 4.48 14.26
CA PHE G 77 14.98 5.66 13.86
C PHE G 77 14.21 6.95 14.15
N GLY G 78 13.52 7.02 15.29
CA GLY G 78 12.80 8.21 15.68
C GLY G 78 11.68 8.59 14.74
N GLY G 79 10.92 7.60 14.29
CA GLY G 79 9.81 7.83 13.39
C GLY G 79 8.71 8.69 13.99
N ALA H 1 -18.87 46.94 -10.68
CA ALA H 1 -18.15 46.68 -11.92
C ALA H 1 -18.48 45.29 -12.45
N LYS H 2 -18.25 45.08 -13.74
CA LYS H 2 -18.52 43.79 -14.35
C LYS H 2 -17.57 42.72 -13.81
N ALA H 3 -18.13 41.57 -13.48
CA ALA H 3 -17.37 40.47 -12.91
C ALA H 3 -17.01 39.44 -13.98
N LYS H 4 -15.99 38.65 -13.70
CA LYS H 4 -15.53 37.61 -14.59
C LYS H 4 -14.89 36.50 -13.78
N THR H 5 -14.98 35.27 -14.30
CA THR H 5 -14.48 34.12 -13.57
C THR H 5 -12.96 34.13 -13.50
N ARG H 6 -12.42 33.45 -12.48
CA ARG H 6 -10.98 33.39 -12.30
C ARG H 6 -10.31 32.59 -13.41
N SER H 7 -11.00 31.56 -13.92
CA SER H 7 -10.42 30.72 -14.97
C SER H 7 -10.19 31.51 -16.25
N SER H 8 -11.09 32.44 -16.59
CA SER H 8 -10.89 33.25 -17.78
C SER H 8 -9.63 34.09 -17.69
N ARG H 9 -9.39 34.70 -16.52
CA ARG H 9 -8.14 35.43 -16.31
C ARG H 9 -6.94 34.49 -16.31
N ALA H 10 -7.11 33.27 -15.79
CA ALA H 10 -6.06 32.28 -15.75
C ALA H 10 -5.96 31.46 -17.04
N GLY H 11 -6.83 31.72 -18.01
CA GLY H 11 -6.78 31.03 -19.28
C GLY H 11 -6.96 29.53 -19.14
N LEU H 12 -7.87 29.11 -18.26
CA LEU H 12 -8.09 27.71 -17.96
C LEU H 12 -9.57 27.38 -18.13
N GLN H 13 -9.83 26.10 -18.41
CA GLN H 13 -11.19 25.60 -18.54
C GLN H 13 -11.60 24.72 -17.36
N PHE H 14 -10.84 24.76 -16.27
CA PHE H 14 -11.14 24.07 -15.02
C PHE H 14 -11.58 25.09 -13.98
N PRO H 15 -12.46 24.70 -13.04
CA PRO H 15 -13.01 25.68 -12.10
C PRO H 15 -12.03 26.00 -10.98
N VAL H 16 -11.46 27.20 -11.03
CA VAL H 16 -10.58 27.66 -9.97
C VAL H 16 -11.35 27.81 -8.67
N GLY H 17 -12.56 28.38 -8.74
CA GLY H 17 -13.35 28.58 -7.54
C GLY H 17 -13.76 27.29 -6.87
N ARG H 18 -14.16 26.29 -7.67
CA ARG H 18 -14.56 25.01 -7.09
C ARG H 18 -13.39 24.31 -6.43
N VAL H 19 -12.22 24.34 -7.06
CA VAL H 19 -11.03 23.75 -6.46
C VAL H 19 -10.67 24.47 -5.16
N HIS H 20 -10.78 25.80 -5.16
CA HIS H 20 -10.50 26.56 -3.95
C HIS H 20 -11.46 26.21 -2.83
N ARG H 21 -12.75 26.05 -3.16
CA ARG H 21 -13.73 25.64 -2.17
C ARG H 21 -13.43 24.24 -1.62
N LEU H 22 -13.04 23.33 -2.51
CA LEU H 22 -12.70 21.98 -2.06
C LEU H 22 -11.50 22.02 -1.13
N LEU H 23 -10.51 22.85 -1.45
CA LEU H 23 -9.36 22.99 -0.54
C LEU H 23 -9.77 23.60 0.78
N ARG H 24 -10.67 24.58 0.75
CA ARG H 24 -11.07 25.30 1.95
C ARG H 24 -11.82 24.38 2.92
N LYS H 25 -12.91 23.76 2.45
CA LYS H 25 -13.56 22.76 3.28
C LYS H 25 -13.00 21.35 3.11
N GLY H 26 -11.75 21.22 2.67
CA GLY H 26 -11.12 19.93 2.54
C GLY H 26 -10.40 19.44 3.78
N ASN H 27 -10.37 20.24 4.85
CA ASN H 27 -9.74 19.89 6.12
C ASN H 27 -8.23 19.76 5.98
N TYR H 28 -7.68 19.91 4.76
CA TYR H 28 -6.27 19.66 4.52
C TYR H 28 -5.37 20.59 5.33
N ALA H 29 -5.69 21.88 5.35
CA ALA H 29 -4.86 22.85 6.04
C ALA H 29 -5.74 23.99 6.56
N GLU H 30 -5.23 24.72 7.54
CA GLU H 30 -5.95 25.86 8.09
C GLU H 30 -6.07 26.98 7.05
N ARG H 31 -4.96 27.30 6.38
CA ARG H 31 -4.95 28.34 5.36
C ARG H 31 -4.30 27.80 4.10
N VAL H 32 -4.68 28.38 2.97
CA VAL H 32 -4.10 28.02 1.67
C VAL H 32 -3.72 29.30 0.96
N GLY H 33 -2.82 29.17 -0.01
CA GLY H 33 -2.38 30.30 -0.82
C GLY H 33 -3.34 30.58 -1.96
N ALA H 34 -2.86 31.39 -2.91
CA ALA H 34 -3.65 31.75 -4.08
C ALA H 34 -3.23 31.00 -5.33
N GLY H 35 -1.95 30.67 -5.48
CA GLY H 35 -1.50 29.93 -6.64
C GLY H 35 -1.71 28.44 -6.57
N ALA H 36 -1.98 27.91 -5.37
CA ALA H 36 -2.19 26.47 -5.23
C ALA H 36 -3.42 25.98 -6.00
N PRO H 37 -4.60 26.61 -5.90
CA PRO H 37 -5.73 26.13 -6.73
C PRO H 37 -5.47 26.24 -8.22
N VAL H 38 -4.77 27.29 -8.66
CA VAL H 38 -4.46 27.45 -10.08
C VAL H 38 -3.54 26.33 -10.54
N TYR H 39 -2.51 26.03 -9.73
CA TYR H 39 -1.60 24.94 -10.06
C TYR H 39 -2.34 23.61 -10.12
N LEU H 40 -3.21 23.35 -9.15
CA LEU H 40 -3.95 22.09 -9.12
C LEU H 40 -4.87 21.98 -10.34
N ALA H 41 -5.56 23.07 -10.68
CA ALA H 41 -6.42 23.05 -11.85
C ALA H 41 -5.62 22.81 -13.12
N ALA H 42 -4.43 23.42 -13.22
CA ALA H 42 -3.59 23.23 -14.40
C ALA H 42 -3.14 21.79 -14.54
N VAL H 43 -2.69 21.17 -13.44
CA VAL H 43 -2.20 19.80 -13.55
C VAL H 43 -3.35 18.85 -13.84
N LEU H 44 -4.52 19.08 -13.22
CA LEU H 44 -5.68 18.25 -13.53
C LEU H 44 -6.08 18.39 -14.99
N GLU H 45 -6.06 19.63 -15.51
CA GLU H 45 -6.41 19.86 -16.91
C GLU H 45 -5.44 19.13 -17.84
N TYR H 46 -4.14 19.20 -17.54
CA TYR H 46 -3.16 18.53 -18.38
C TYR H 46 -3.35 17.02 -18.36
N LEU H 47 -3.55 16.45 -17.17
CA LEU H 47 -3.74 15.00 -17.07
C LEU H 47 -4.99 14.56 -17.81
N THR H 48 -6.10 15.29 -17.65
CA THR H 48 -7.32 14.94 -18.36
C THR H 48 -7.14 15.06 -19.86
N ALA H 49 -6.48 16.12 -20.32
CA ALA H 49 -6.27 16.29 -21.76
C ALA H 49 -5.43 15.15 -22.33
N GLU H 50 -4.35 14.78 -21.65
CA GLU H 50 -3.50 13.72 -22.16
C GLU H 50 -4.21 12.37 -22.15
N ILE H 51 -4.95 12.07 -21.08
CA ILE H 51 -5.65 10.80 -21.01
C ILE H 51 -6.77 10.74 -22.05
N LEU H 52 -7.42 11.88 -22.32
CA LEU H 52 -8.51 11.89 -23.26
C LEU H 52 -8.01 11.81 -24.70
N GLU H 53 -6.84 12.40 -24.97
CA GLU H 53 -6.19 12.21 -26.25
C GLU H 53 -5.78 10.75 -26.45
N LEU H 54 -5.24 10.13 -25.39
CA LEU H 54 -4.83 8.74 -25.50
C LEU H 54 -6.03 7.81 -25.73
N ALA H 55 -7.16 8.13 -25.11
CA ALA H 55 -8.38 7.37 -25.39
C ALA H 55 -8.88 7.65 -26.80
N GLY H 56 -8.82 8.91 -27.25
CA GLY H 56 -9.36 9.26 -28.54
C GLY H 56 -8.59 8.60 -29.66
N ASN H 57 -7.26 8.42 -29.45
CA ASN H 57 -6.45 7.79 -30.49
C ASN H 57 -6.91 6.38 -30.78
N ALA H 58 -7.15 5.65 -29.71
CA ALA H 58 -7.65 4.31 -29.82
C ALA H 58 -9.07 4.30 -30.35
N ALA H 59 -9.89 5.26 -29.93
CA ALA H 59 -11.27 5.31 -30.40
C ALA H 59 -11.33 5.47 -31.91
N ARG H 60 -10.50 6.36 -32.47
CA ARG H 60 -10.44 6.50 -33.91
C ARG H 60 -9.76 5.30 -34.56
N ASP H 61 -8.90 4.59 -33.82
CA ASP H 61 -8.32 3.36 -34.34
C ASP H 61 -9.39 2.29 -34.55
N ASN H 62 -10.30 2.15 -33.59
CA ASN H 62 -11.37 1.17 -33.67
C ASN H 62 -12.59 1.67 -34.44
N LYS H 63 -12.45 2.80 -35.15
CA LYS H 63 -13.50 3.35 -36.01
C LYS H 63 -14.79 3.59 -35.23
N LYS H 64 -14.65 4.25 -34.08
CA LYS H 64 -15.78 4.66 -33.27
C LYS H 64 -15.66 6.14 -32.96
N THR H 65 -16.81 6.77 -32.67
CA THR H 65 -16.88 8.20 -32.46
C THR H 65 -17.02 8.60 -31.00
N ARG H 66 -17.14 7.66 -30.08
CA ARG H 66 -17.23 7.96 -28.67
C ARG H 66 -16.33 7.01 -27.88
N ILE H 67 -15.92 7.45 -26.70
CA ILE H 67 -14.99 6.69 -25.88
C ILE H 67 -15.73 5.68 -25.03
N ILE H 68 -15.18 4.47 -24.95
CA ILE H 68 -15.73 3.37 -24.17
C ILE H 68 -14.67 3.02 -23.13
N PRO H 69 -15.05 2.79 -21.85
CA PRO H 69 -14.05 2.38 -20.86
C PRO H 69 -13.09 1.28 -21.31
N ARG H 70 -13.48 0.45 -22.27
CA ARG H 70 -12.52 -0.48 -22.86
C ARG H 70 -11.38 0.28 -23.53
N HIS H 71 -11.70 1.33 -24.29
CA HIS H 71 -10.66 2.15 -24.89
C HIS H 71 -9.82 2.83 -23.83
N LEU H 72 -10.43 3.22 -22.70
CA LEU H 72 -9.66 3.79 -21.60
C LEU H 72 -8.66 2.76 -21.07
N GLN H 73 -9.09 1.50 -20.95
CA GLN H 73 -8.17 0.45 -20.50
C GLN H 73 -7.03 0.27 -21.48
N LEU H 74 -7.31 0.23 -22.79
CA LEU H 74 -6.25 0.12 -23.77
C LEU H 74 -5.28 1.30 -23.68
N ALA H 75 -5.81 2.53 -23.57
CA ALA H 75 -4.95 3.70 -23.50
C ALA H 75 -4.07 3.69 -22.26
N VAL H 76 -4.64 3.30 -21.12
CA VAL H 76 -3.88 3.30 -19.88
C VAL H 76 -2.83 2.19 -19.88
N ARG H 77 -3.20 0.98 -20.29
CA ARG H 77 -2.29 -0.15 -20.21
C ARG H 77 -1.27 -0.17 -21.34
N ASN H 78 -1.52 0.53 -22.44
CA ASN H 78 -0.58 0.58 -23.54
C ASN H 78 0.55 1.59 -23.34
N ASP H 79 0.43 2.45 -22.33
CA ASP H 79 1.47 3.39 -21.96
C ASP H 79 2.10 2.87 -20.67
N GLU H 80 3.38 2.50 -20.73
CA GLU H 80 4.02 1.84 -19.60
C GLU H 80 4.10 2.77 -18.40
N GLU H 81 4.45 4.04 -18.63
CA GLU H 81 4.51 4.98 -17.52
C GLU H 81 3.13 5.19 -16.90
N LEU H 82 2.10 5.36 -17.74
CA LEU H 82 0.74 5.51 -17.22
C LEU H 82 0.26 4.23 -16.54
N ASN H 83 0.71 3.08 -17.02
CA ASN H 83 0.43 1.82 -16.32
C ASN H 83 1.06 1.82 -14.94
N LYS H 84 2.29 2.32 -14.83
CA LYS H 84 2.92 2.45 -13.52
C LYS H 84 2.13 3.39 -12.62
N LEU H 85 1.63 4.49 -13.18
CA LEU H 85 0.86 5.44 -12.38
C LEU H 85 -0.51 4.86 -11.99
N LEU H 86 -1.03 3.93 -12.78
CA LEU H 86 -2.35 3.35 -12.57
C LEU H 86 -2.28 1.82 -12.46
N GLY H 87 -1.30 1.29 -11.73
CA GLY H 87 -1.11 -0.15 -11.68
C GLY H 87 -2.20 -0.88 -10.90
N ARG H 88 -2.53 -0.38 -9.71
CA ARG H 88 -3.45 -1.06 -8.82
C ARG H 88 -4.91 -0.69 -9.07
N VAL H 89 -5.16 0.28 -9.93
CA VAL H 89 -6.51 0.73 -10.24
C VAL H 89 -7.16 -0.20 -11.26
N THR H 90 -8.31 -0.75 -10.91
CA THR H 90 -9.06 -1.66 -11.76
C THR H 90 -10.15 -0.90 -12.49
N ILE H 91 -10.31 -1.20 -13.78
CA ILE H 91 -11.22 -0.45 -14.64
C ILE H 91 -12.43 -1.31 -14.93
N ALA H 92 -13.62 -0.75 -14.71
CA ALA H 92 -14.85 -1.46 -15.02
C ALA H 92 -15.00 -1.63 -16.53
N GLN H 93 -15.40 -2.84 -16.93
CA GLN H 93 -15.60 -3.19 -18.34
C GLN H 93 -14.33 -2.93 -19.15
N GLY H 94 -13.17 -3.26 -18.57
CA GLY H 94 -11.90 -2.99 -19.20
C GLY H 94 -11.23 -4.21 -19.79
N GLY H 95 -11.53 -5.38 -19.25
CA GLY H 95 -10.91 -6.59 -19.74
C GLY H 95 -9.42 -6.61 -19.43
N VAL H 96 -8.65 -7.18 -20.37
CA VAL H 96 -7.21 -7.36 -20.18
C VAL H 96 -6.54 -7.25 -21.54
N LEU H 97 -5.29 -6.83 -21.53
CA LEU H 97 -4.51 -6.76 -22.76
C LEU H 97 -4.33 -8.15 -23.35
N PRO H 98 -4.44 -8.30 -24.67
CA PRO H 98 -4.23 -9.63 -25.28
C PRO H 98 -2.77 -10.04 -25.17
N ASN H 99 -2.54 -11.27 -24.72
CA ASN H 99 -1.19 -11.78 -24.55
C ASN H 99 -1.22 -13.30 -24.56
N ILE H 100 -0.26 -13.90 -25.25
CA ILE H 100 -0.10 -15.35 -25.30
C ILE H 100 1.36 -15.68 -25.07
N GLN H 101 1.62 -16.64 -24.17
CA GLN H 101 2.98 -17.04 -23.88
C GLN H 101 3.54 -17.87 -25.04
N SER H 102 4.85 -17.72 -25.27
CA SER H 102 5.47 -18.25 -26.49
C SER H 102 5.42 -19.77 -26.53
N VAL H 103 5.71 -20.44 -25.41
CA VAL H 103 5.78 -21.90 -25.41
C VAL H 103 4.41 -22.49 -25.71
N LEU H 104 3.34 -21.84 -25.23
CA LEU H 104 1.99 -22.33 -25.48
C LEU H 104 1.66 -22.41 -26.97
N LEU H 105 2.34 -21.63 -27.81
CA LEU H 105 2.14 -21.70 -29.25
C LEU H 105 2.68 -23.02 -29.80
N PRO H 106 2.10 -23.55 -30.91
CA PRO H 106 2.66 -24.77 -31.50
C PRO H 106 4.11 -24.64 -31.98
N LYS H 107 4.65 -25.73 -32.50
CA LYS H 107 6.05 -25.75 -32.92
C LYS H 107 6.29 -24.78 -34.06
N CYS H 108 5.35 -24.68 -35.00
CA CYS H 108 5.50 -23.78 -36.14
C CYS H 108 4.23 -22.94 -36.35
N TYR I 1 -17.64 16.95 -12.84
CA TYR I 1 -16.75 17.64 -13.76
C TYR I 1 -17.10 17.40 -15.23
N ALA I 2 -18.39 17.25 -15.53
CA ALA I 2 -18.79 16.83 -16.87
C ALA I 2 -18.51 17.90 -17.91
N ILE I 3 -18.92 19.15 -17.65
CA ILE I 3 -18.84 20.19 -18.68
C ILE I 3 -17.40 20.52 -19.02
N TYR I 4 -16.54 20.61 -18.01
CA TYR I 4 -15.14 20.92 -18.26
C TYR I 4 -14.49 19.85 -19.14
N VAL I 5 -14.77 18.59 -18.85
CA VAL I 5 -14.21 17.50 -19.64
C VAL I 5 -14.77 17.51 -21.06
N TYR I 6 -16.05 17.83 -21.21
CA TYR I 6 -16.63 17.93 -22.55
C TYR I 6 -15.95 19.03 -23.35
N LYS I 7 -15.66 20.17 -22.71
CA LYS I 7 -14.89 21.21 -23.38
C LYS I 7 -13.48 20.72 -23.69
N VAL I 8 -12.94 19.83 -22.86
CA VAL I 8 -11.63 19.26 -23.14
C VAL I 8 -11.66 18.43 -24.42
N LEU I 9 -12.64 17.55 -24.55
CA LEU I 9 -12.81 16.83 -25.82
C LEU I 9 -12.99 17.79 -26.98
N LYS I 10 -13.88 18.78 -26.85
CA LYS I 10 -14.11 19.71 -27.94
C LYS I 10 -12.90 20.56 -28.27
N GLN I 11 -11.93 20.67 -27.36
CA GLN I 11 -10.68 21.37 -27.65
C GLN I 11 -9.55 20.40 -28.03
N VAL I 12 -9.80 19.09 -27.99
CA VAL I 12 -8.83 18.09 -28.42
C VAL I 12 -9.36 17.28 -29.59
N HIS I 13 -10.58 16.74 -29.47
CA HIS I 13 -11.23 15.98 -30.54
C HIS I 13 -12.59 16.60 -30.81
N PRO I 14 -12.66 17.64 -31.66
CA PRO I 14 -13.97 18.23 -32.00
C PRO I 14 -15.01 17.24 -32.52
N ASP I 15 -14.63 16.05 -32.97
CA ASP I 15 -15.59 15.12 -33.57
C ASP I 15 -15.66 13.80 -32.83
N THR I 16 -15.26 13.75 -31.56
CA THR I 16 -15.30 12.53 -30.77
C THR I 16 -16.07 12.79 -29.47
N GLY I 17 -16.97 11.86 -29.15
CA GLY I 17 -17.75 11.93 -27.94
C GLY I 17 -17.20 11.05 -26.83
N ILE I 18 -18.03 10.86 -25.80
CA ILE I 18 -17.64 10.08 -24.64
C ILE I 18 -18.89 9.42 -24.05
N SER I 19 -18.75 8.17 -23.62
CA SER I 19 -19.84 7.44 -23.01
C SER I 19 -20.03 7.86 -21.56
N SER I 20 -21.18 7.50 -20.99
CA SER I 20 -21.45 7.84 -19.59
C SER I 20 -20.56 7.07 -18.63
N LYS I 21 -20.31 5.79 -18.93
CA LYS I 21 -19.44 5.00 -18.06
C LYS I 21 -18.03 5.55 -18.05
N ALA I 22 -17.51 5.95 -19.22
CA ALA I 22 -16.21 6.60 -19.27
C ALA I 22 -16.23 7.91 -18.49
N MET I 23 -17.34 8.65 -18.58
CA MET I 23 -17.48 9.89 -17.83
C MET I 23 -17.34 9.63 -16.33
N SER I 24 -18.08 8.66 -15.80
CA SER I 24 -17.99 8.37 -14.37
C SER I 24 -16.62 7.85 -14.00
N ILE I 25 -16.02 7.00 -14.85
CA ILE I 25 -14.71 6.44 -14.55
C ILE I 25 -13.65 7.53 -14.45
N MET I 26 -13.62 8.44 -15.42
CA MET I 26 -12.60 9.48 -15.41
C MET I 26 -12.93 10.56 -14.38
N ASN I 27 -14.21 10.72 -14.02
CA ASN I 27 -14.56 11.59 -12.91
C ASN I 27 -14.02 11.04 -11.60
N SER I 28 -14.16 9.73 -11.38
CA SER I 28 -13.55 9.11 -10.21
C SER I 28 -12.04 9.21 -10.28
N PHE I 29 -11.46 9.11 -11.48
CA PHE I 29 -10.03 9.31 -11.67
C PHE I 29 -9.59 10.69 -11.18
N VAL I 30 -10.26 11.74 -11.64
CA VAL I 30 -9.83 13.09 -11.28
C VAL I 30 -10.07 13.33 -9.79
N ASN I 31 -11.16 12.80 -9.23
CA ASN I 31 -11.37 12.93 -7.80
C ASN I 31 -10.27 12.23 -7.00
N ASP I 32 -9.88 11.03 -7.44
CA ASP I 32 -8.81 10.30 -6.74
C ASP I 32 -7.49 11.05 -6.82
N VAL I 33 -7.15 11.55 -8.00
CA VAL I 33 -5.88 12.26 -8.16
C VAL I 33 -5.88 13.55 -7.35
N PHE I 34 -7.00 14.28 -7.37
CA PHE I 34 -7.12 15.49 -6.55
C PHE I 34 -6.95 15.16 -5.07
N GLU I 35 -7.59 14.10 -4.60
CA GLU I 35 -7.47 13.74 -3.19
C GLU I 35 -6.04 13.36 -2.84
N ARG I 36 -5.39 12.60 -3.73
CA ARG I 36 -4.01 12.21 -3.48
C ARG I 36 -3.08 13.41 -3.41
N ILE I 37 -3.20 14.32 -4.38
CA ILE I 37 -2.34 15.51 -4.41
C ILE I 37 -2.60 16.39 -3.19
N ALA I 38 -3.89 16.61 -2.86
CA ALA I 38 -4.20 17.46 -1.71
C ALA I 38 -3.73 16.84 -0.40
N GLY I 39 -3.88 15.51 -0.26
CA GLY I 39 -3.40 14.86 0.94
C GLY I 39 -1.90 14.95 1.08
N GLU I 40 -1.17 14.74 -0.02
CA GLU I 40 0.30 14.87 0.04
C GLU I 40 0.72 16.30 0.33
N ALA I 41 0.02 17.29 -0.27
CA ALA I 41 0.35 18.68 -0.03
C ALA I 41 0.09 19.08 1.42
N SER I 42 -1.04 18.66 1.97
CA SER I 42 -1.32 18.93 3.38
C SER I 42 -0.31 18.23 4.29
N ARG I 43 0.06 17.00 3.93
CA ARG I 43 1.05 16.27 4.72
C ARG I 43 2.38 17.01 4.73
N LEU I 44 2.82 17.51 3.57
CA LEU I 44 4.07 18.25 3.53
C LEU I 44 3.96 19.58 4.28
N ALA I 45 2.82 20.26 4.15
CA ALA I 45 2.64 21.54 4.83
C ALA I 45 2.70 21.37 6.35
N HIS I 46 2.16 20.26 6.86
CA HIS I 46 2.33 19.96 8.27
C HIS I 46 3.73 19.44 8.59
N TYR I 47 4.38 18.80 7.61
CA TYR I 47 5.64 18.12 7.84
C TYR I 47 6.78 19.11 8.00
N ASN I 48 6.74 20.23 7.28
CA ASN I 48 7.71 21.30 7.42
C ASN I 48 7.26 22.37 8.41
N LYS I 49 6.26 22.08 9.23
CA LYS I 49 5.80 22.94 10.32
C LYS I 49 5.34 24.31 9.81
N ARG I 50 4.58 24.27 8.71
CA ARG I 50 3.93 25.48 8.21
C ARG I 50 2.42 25.33 8.32
N SER I 51 1.69 26.42 8.08
CA SER I 51 0.24 26.41 8.23
C SER I 51 -0.50 26.89 7.00
N THR I 52 0.19 27.28 5.92
CA THR I 52 -0.45 27.72 4.69
C THR I 52 0.07 26.88 3.53
N ILE I 53 -0.85 26.33 2.74
CA ILE I 53 -0.50 25.59 1.54
C ILE I 53 -0.34 26.59 0.39
N THR I 54 0.83 26.58 -0.22
CA THR I 54 1.17 27.49 -1.30
C THR I 54 1.51 26.68 -2.56
N SER I 55 1.86 27.40 -3.62
CA SER I 55 2.19 26.74 -4.88
C SER I 55 3.43 25.87 -4.74
N ARG I 56 4.33 26.21 -3.81
CA ARG I 56 5.53 25.41 -3.62
C ARG I 56 5.19 24.00 -3.14
N GLU I 57 4.24 23.88 -2.21
CA GLU I 57 3.84 22.57 -1.72
C GLU I 57 3.24 21.74 -2.83
N ILE I 58 2.39 22.34 -3.66
CA ILE I 58 1.78 21.61 -4.77
C ILE I 58 2.85 21.19 -5.77
N GLN I 59 3.84 22.06 -6.01
CA GLN I 59 4.93 21.73 -6.92
C GLN I 59 5.72 20.54 -6.41
N THR I 60 6.05 20.54 -5.12
CA THR I 60 6.74 19.38 -4.55
C THR I 60 5.89 18.12 -4.64
N ALA I 61 4.58 18.27 -4.41
CA ALA I 61 3.69 17.11 -4.51
C ALA I 61 3.69 16.51 -5.90
N VAL I 62 3.53 17.35 -6.93
CA VAL I 62 3.48 16.82 -8.29
C VAL I 62 4.83 16.24 -8.68
N ARG I 63 5.92 16.89 -8.26
CA ARG I 63 7.25 16.34 -8.50
C ARG I 63 7.45 15.03 -7.75
N LEU I 64 6.66 14.79 -6.72
CA LEU I 64 6.87 13.65 -5.84
C LEU I 64 6.11 12.40 -6.28
N LEU I 65 4.88 12.54 -6.76
CA LEU I 65 4.05 11.38 -7.12
C LEU I 65 4.18 11.02 -8.60
N LEU I 66 3.91 11.96 -9.49
CA LEU I 66 3.94 11.64 -10.92
C LEU I 66 5.36 11.33 -11.37
N PRO I 67 5.63 10.13 -11.90
CA PRO I 67 6.99 9.74 -12.26
C PRO I 67 7.35 10.12 -13.69
N GLY I 68 8.49 10.78 -13.85
CA GLY I 68 9.07 10.97 -15.17
C GLY I 68 8.62 12.18 -15.95
N GLU I 69 8.17 11.94 -17.17
CA GLU I 69 7.87 13.04 -18.07
C GLU I 69 6.72 13.88 -17.53
N LEU I 70 5.67 13.23 -17.02
CA LEU I 70 4.53 13.98 -16.49
C LEU I 70 4.97 15.02 -15.49
N ALA I 71 6.02 14.72 -14.72
CA ALA I 71 6.47 15.64 -13.68
C ALA I 71 6.89 16.99 -14.26
N LYS I 72 7.79 16.98 -15.26
CA LYS I 72 8.25 18.26 -15.79
C LYS I 72 7.21 18.93 -16.69
N HIS I 73 6.44 18.17 -17.47
CA HIS I 73 5.36 18.87 -18.19
C HIS I 73 4.40 19.54 -17.21
N ALA I 74 4.02 18.83 -16.14
CA ALA I 74 3.08 19.39 -15.18
C ALA I 74 3.65 20.61 -14.50
N VAL I 75 4.93 20.58 -14.10
CA VAL I 75 5.49 21.74 -13.43
C VAL I 75 5.61 22.91 -14.41
N SER I 76 5.97 22.63 -15.66
CA SER I 76 6.09 23.70 -16.65
C SER I 76 4.75 24.40 -16.85
N GLU I 77 3.68 23.63 -17.02
CA GLU I 77 2.37 24.27 -17.22
C GLU I 77 1.89 24.94 -15.95
N GLY I 78 2.23 24.40 -14.78
CA GLY I 78 1.88 25.07 -13.54
C GLY I 78 2.52 26.44 -13.43
N THR I 79 3.83 26.52 -13.70
CA THR I 79 4.51 27.82 -13.62
C THR I 79 3.96 28.79 -14.66
N LYS I 80 3.76 28.32 -15.90
CA LYS I 80 3.27 29.25 -16.91
C LYS I 80 1.86 29.73 -16.56
N ALA I 81 1.01 28.84 -16.05
CA ALA I 81 -0.34 29.23 -15.67
C ALA I 81 -0.35 30.24 -14.53
N VAL I 82 0.45 30.00 -13.49
CA VAL I 82 0.46 30.94 -12.38
C VAL I 82 1.07 32.28 -12.80
N THR I 83 2.03 32.25 -13.74
CA THR I 83 2.62 33.50 -14.20
C THR I 83 1.61 34.32 -15.00
N LYS I 84 0.85 33.67 -15.90
CA LYS I 84 -0.15 34.43 -16.64
C LYS I 84 -1.30 34.84 -15.72
N TYR I 85 -1.51 34.10 -14.62
CA TYR I 85 -2.50 34.50 -13.65
C TYR I 85 -2.08 35.79 -12.93
N THR I 86 -0.85 35.84 -12.43
CA THR I 86 -0.43 37.00 -11.67
C THR I 86 -0.15 38.21 -12.56
N SER I 87 0.32 37.99 -13.79
CA SER I 87 0.60 39.10 -14.69
C SER I 87 -0.67 39.83 -15.08
N ALA I 88 -1.74 39.09 -15.36
CA ALA I 88 -3.03 39.65 -15.74
C ALA I 88 -3.99 39.44 -14.57
N LYS I 89 -4.11 40.46 -13.71
CA LYS I 89 -4.99 40.39 -12.55
C LYS I 89 -6.44 40.66 -12.95
#